data_9LCZ
#
_entry.id   9LCZ
#
_cell.length_a   1.00
_cell.length_b   1.00
_cell.length_c   1.00
_cell.angle_alpha   90.00
_cell.angle_beta   90.00
_cell.angle_gamma   90.00
#
_symmetry.space_group_name_H-M   'P 1'
#
loop_
_entity.id
_entity.type
_entity.pdbx_description
1 polymer 'Inactivate TOD6'
2 polymer 'GC DNA substrate forward strand'
3 polymer 'GC DNA substrate reverse strand'
4 non-polymer 'ZINC ION'
#
loop_
_entity_poly.entity_id
_entity_poly.type
_entity_poly.pdbx_seq_one_letter_code
_entity_poly.pdbx_strand_id
1 'polypeptide(L)'
;MASSHHHHHHHHSGASVDLRTLGYSQQQQEKIKPKVRSTVAQHHEALVGHGFTHAHIVALSQHPAALGTVAVKYQDMIAA
LPEATHEAIVGVGKQWSGARALEALLTVAGELRGPPLQLDTGQLLKIAKRGGVTAVEAVHAWRNALTGAPLNLTPEQVVA
IASHDGGKQALETVQRLLPVLCQAHGLTPEQVVAIASNIGGKQALETVQRLLPVLCQAHGLTPEQVVAIASNNGGKQALE
TVQRLLPVLCQAHGLTPEQVVAIASNNGGKQALETVQRLLPVLCQAHGLTPEQVVAIASNIGGKQALETVQRLLPVLCQA
HGLTPEQVVAIASNGGGKQALETVQRLLPVLCQAHGLTPEQVVAIASNIGGKQALETVQRLLPVLCQAHGLTPEQVVAIA
SHDGGKQALETVQRLLPVLCQAHGLTPEQVVAIASNGGGKQALETVQRLLPVLCQAHGLTPEQVVAIASHDGGKQALETV
QRLLPVLCQAHGLTPEQVVAIASHDGGKQALETVQRLLPVLCQAHGLTPEQVVAIASNGGGKQALETVQRLLPVLCQAHG
LTPEQVVAIASHDGGKQALETVQRLLPVLCQAHGLTPEQVVAIASNIGGKQALETVQRLLPVLCQAHGLTPEQVVAIASN
IGGKQALETVQRLLPVLCQAHGLTPEQVVAIASNGGGRPALEALHAVLTDGPEEAKYEALMRLGGALAIRISDNSEKQIN
TAINLIKNHAKSKGVELSEEDIKKVEKILKENPGVVLLLTPSGKIHVFPSISWSLPEYDGTTTHGVLVLDDGTQIGFTSG
NGDPRYTNYRNNGHVAQKSALYMRENNISNATVYHNNTNGTCGYCNTMTATFLPEGATLTVVPPENAVANNSRAIDYVKT
YTGTS
;
A
2 'polydeoxyribonucleotide'
;(DT)(DG)(DT)(DC)(DA)(DG)(DG)(DA)(DT)(DA)(DC)(DT)(DC)(DC)(DT)(DC)(DA)(DA)(DT)(DC)
(DT)(DA)(DC)(DC)(DG)(DG)(DC)(DC)(DG)(DA)(DG)
;
B
3 'polydeoxyribonucleotide'
;(DC)(DT)(DC)(DG)(DG)(DC)(DC)(DG)(DG)(DT)(DA)(DG)(DA)(DT)(DT)(DG)(DA)(DG)(DG)(DA)
(DG)(DT)(DA)(DT)(DC)(DC)(DT)(DG)(DA)(DC)(DA)
;
C
#
loop_
_chem_comp.id
_chem_comp.type
_chem_comp.name
_chem_comp.formula
DA DNA linking 2'-DEOXYADENOSINE-5'-MONOPHOSPHATE 'C10 H14 N5 O6 P'
DC DNA linking 2'-DEOXYCYTIDINE-5'-MONOPHOSPHATE 'C9 H14 N3 O7 P'
DG DNA linking 2'-DEOXYGUANOSINE-5'-MONOPHOSPHATE 'C10 H14 N5 O7 P'
DT DNA linking THYMIDINE-5'-MONOPHOSPHATE 'C10 H15 N2 O8 P'
ZN non-polymer 'ZINC ION' 'Zn 2'
#
# COMPACT_ATOMS: atom_id res chain seq x y z
N PHE A 52 10.63 41.69 22.20
CA PHE A 52 11.72 40.94 21.58
C PHE A 52 12.62 40.29 22.63
N THR A 53 13.23 39.17 22.28
CA THR A 53 14.18 38.47 23.13
C THR A 53 15.56 38.55 22.50
N HIS A 54 16.55 37.99 23.21
CA HIS A 54 17.92 38.01 22.70
C HIS A 54 18.07 37.14 21.46
N ALA A 55 17.30 36.05 21.37
CA ALA A 55 17.33 35.22 20.17
C ALA A 55 16.86 36.00 18.95
N HIS A 56 15.83 36.82 19.11
CA HIS A 56 15.37 37.65 18.00
C HIS A 56 16.44 38.64 17.55
N ILE A 57 17.11 39.27 18.50
CA ILE A 57 18.18 40.20 18.16
C ILE A 57 19.31 39.47 17.44
N VAL A 58 19.62 38.26 17.88
CA VAL A 58 20.61 37.44 17.20
C VAL A 58 20.17 37.16 15.76
N ALA A 59 18.88 36.87 15.58
CA ALA A 59 18.37 36.60 14.24
C ALA A 59 18.51 37.81 13.32
N LEU A 60 18.09 38.98 13.80
CA LEU A 60 18.26 40.19 12.99
C LEU A 60 19.70 40.65 12.89
N SER A 61 20.63 40.08 13.68
CA SER A 61 22.03 40.44 13.54
C SER A 61 22.58 40.10 12.16
N GLN A 62 21.93 39.22 11.41
CA GLN A 62 22.38 38.93 10.05
C GLN A 62 22.24 40.15 9.15
N HIS A 63 21.21 40.97 9.38
CA HIS A 63 20.99 42.20 8.62
C HIS A 63 21.12 43.39 9.55
N PRO A 64 22.30 44.03 9.62
CA PRO A 64 22.48 45.11 10.61
C PRO A 64 21.51 46.27 10.44
N ALA A 65 21.15 46.63 9.20
CA ALA A 65 20.25 47.75 9.00
C ALA A 65 18.85 47.47 9.50
N ALA A 66 18.44 46.20 9.55
CA ALA A 66 17.12 45.86 10.06
C ALA A 66 17.03 46.11 11.57
N LEU A 67 18.12 45.88 12.29
CA LEU A 67 18.11 46.06 13.74
C LEU A 67 17.83 47.51 14.10
N GLY A 68 18.47 48.45 13.39
CA GLY A 68 18.18 49.86 13.63
C GLY A 68 16.77 50.24 13.20
N THR A 69 16.31 49.71 12.07
CA THR A 69 14.99 50.06 11.56
C THR A 69 13.88 49.56 12.49
N VAL A 70 14.00 48.33 12.97
CA VAL A 70 12.96 47.75 13.83
C VAL A 70 12.87 48.51 15.14
N ALA A 71 14.02 48.82 15.74
CA ALA A 71 14.02 49.52 17.02
C ALA A 71 13.48 50.94 16.91
N VAL A 72 13.43 51.51 15.70
CA VAL A 72 12.98 52.88 15.53
C VAL A 72 11.51 52.94 15.15
N LYS A 73 11.08 52.12 14.19
CA LYS A 73 9.74 52.21 13.63
C LYS A 73 8.87 51.00 13.94
N TYR A 74 9.03 50.42 15.13
CA TYR A 74 8.19 49.28 15.49
C TYR A 74 6.76 49.72 15.81
N GLN A 75 6.57 50.98 16.18
CA GLN A 75 5.24 51.42 16.61
C GLN A 75 4.25 51.45 15.45
N ASP A 76 4.69 51.89 14.27
CA ASP A 76 3.77 52.03 13.15
C ASP A 76 3.76 50.82 12.23
N MET A 77 4.71 49.89 12.36
CA MET A 77 4.63 48.65 11.59
C MET A 77 3.47 47.79 12.07
N ILE A 78 3.34 47.60 13.37
CA ILE A 78 2.20 46.87 13.91
C ILE A 78 0.91 47.66 13.73
N ALA A 79 1.00 48.98 13.61
CA ALA A 79 -0.20 49.79 13.37
C ALA A 79 -0.75 49.54 11.97
N ALA A 80 0.12 49.56 10.95
CA ALA A 80 -0.30 49.29 9.59
C ALA A 80 -0.46 47.80 9.30
N LEU A 81 0.11 46.94 10.15
CA LEU A 81 0.04 45.49 9.97
C LEU A 81 -0.45 44.87 11.27
N PRO A 82 -1.76 44.84 11.51
CA PRO A 82 -2.28 44.19 12.71
C PRO A 82 -2.00 42.69 12.67
N GLU A 83 -1.95 42.10 13.87
CA GLU A 83 -1.70 40.67 14.05
C GLU A 83 -0.34 40.25 13.48
N ALA A 84 0.65 41.13 13.59
CA ALA A 84 2.01 40.86 13.13
C ALA A 84 2.81 40.35 14.32
N THR A 85 3.11 39.05 14.34
CA THR A 85 3.83 38.46 15.44
C THR A 85 5.32 38.79 15.34
N HIS A 86 6.04 38.55 16.43
CA HIS A 86 7.47 38.82 16.47
C HIS A 86 8.23 37.90 15.52
N GLU A 87 7.82 36.64 15.43
CA GLU A 87 8.52 35.70 14.55
C GLU A 87 8.45 36.12 13.10
N ALA A 88 7.28 36.59 12.66
CA ALA A 88 7.16 37.07 11.29
C ALA A 88 8.05 38.29 11.06
N ILE A 89 8.13 39.18 12.04
CA ILE A 89 8.97 40.37 11.89
C ILE A 89 10.43 39.98 11.77
N VAL A 90 10.90 39.06 12.62
CA VAL A 90 12.30 38.65 12.55
C VAL A 90 12.58 37.87 11.27
N GLY A 91 11.57 37.15 10.76
CA GLY A 91 11.76 36.47 9.48
C GLY A 91 11.87 37.44 8.32
N VAL A 92 11.06 38.50 8.33
CA VAL A 92 11.11 39.49 7.25
C VAL A 92 12.40 40.29 7.33
N GLY A 93 12.82 40.65 8.55
CA GLY A 93 13.96 41.54 8.71
C GLY A 93 15.32 40.91 8.52
N LYS A 94 15.41 39.59 8.58
CA LYS A 94 16.70 38.91 8.51
C LYS A 94 17.08 38.51 7.08
N GLN A 95 16.29 38.89 6.08
CA GLN A 95 16.60 38.55 4.70
C GLN A 95 17.63 39.54 4.15
N TRP A 96 17.91 39.47 2.85
CA TRP A 96 18.93 40.33 2.27
C TRP A 96 18.48 41.78 2.17
N SER A 97 17.19 42.04 2.28
CA SER A 97 16.65 43.40 2.23
C SER A 97 15.62 43.60 3.32
N GLY A 98 15.96 43.19 4.54
CA GLY A 98 15.00 43.21 5.63
C GLY A 98 14.48 44.60 5.94
N ALA A 99 15.40 45.57 6.07
CA ALA A 99 14.97 46.92 6.43
C ALA A 99 14.12 47.54 5.33
N ARG A 100 14.55 47.39 4.07
CA ARG A 100 13.78 47.94 2.95
C ARG A 100 12.44 47.24 2.83
N ALA A 101 12.39 45.93 3.06
CA ALA A 101 11.12 45.20 3.01
C ALA A 101 10.17 45.69 4.09
N LEU A 102 10.67 45.91 5.30
CA LEU A 102 9.82 46.43 6.36
C LEU A 102 9.33 47.83 6.05
N GLU A 103 10.18 48.68 5.48
CA GLU A 103 9.74 50.02 5.10
C GLU A 103 8.65 49.95 4.02
N ALA A 104 8.83 49.06 3.04
CA ALA A 104 7.83 48.91 2.00
C ALA A 104 6.51 48.40 2.57
N LEU A 105 6.58 47.44 3.50
CA LEU A 105 5.36 46.96 4.14
C LEU A 105 4.66 48.08 4.90
N LEU A 106 5.43 48.91 5.61
CA LEU A 106 4.84 50.03 6.34
C LEU A 106 4.16 51.01 5.39
N THR A 107 4.79 51.29 4.25
CA THR A 107 4.26 52.30 3.34
C THR A 107 3.05 51.80 2.54
N VAL A 108 3.07 50.52 2.13
CA VAL A 108 2.17 50.04 1.10
C VAL A 108 0.96 49.29 1.67
N ALA A 109 1.16 48.57 2.78
CA ALA A 109 0.14 47.64 3.25
C ALA A 109 -1.17 48.34 3.59
N GLY A 110 -1.16 49.65 3.81
CA GLY A 110 -2.39 50.35 4.13
C GLY A 110 -3.39 50.36 2.98
N GLU A 111 -2.91 50.57 1.75
CA GLU A 111 -3.79 50.67 0.60
C GLU A 111 -3.82 49.40 -0.24
N LEU A 112 -2.84 48.51 -0.08
CA LEU A 112 -2.80 47.29 -0.89
C LEU A 112 -3.95 46.36 -0.58
N ARG A 113 -4.62 46.53 0.56
CA ARG A 113 -5.74 45.68 0.97
C ARG A 113 -7.04 46.04 0.27
N GLY A 114 -6.98 46.76 -0.85
CA GLY A 114 -8.18 47.15 -1.56
C GLY A 114 -8.79 46.00 -2.33
N PRO A 115 -9.89 46.28 -3.01
CA PRO A 115 -10.63 45.25 -3.74
C PRO A 115 -9.77 44.50 -4.76
N PRO A 116 -8.87 45.17 -5.50
CA PRO A 116 -8.10 44.43 -6.51
C PRO A 116 -7.27 43.28 -5.95
N LEU A 117 -6.71 43.43 -4.76
CA LEU A 117 -5.86 42.39 -4.19
C LEU A 117 -6.38 41.83 -2.88
N GLN A 118 -6.90 42.68 -1.98
CA GLN A 118 -7.40 42.32 -0.65
C GLN A 118 -6.51 41.29 0.05
N LEU A 119 -5.20 41.47 -0.05
CA LEU A 119 -4.27 40.59 0.66
C LEU A 119 -4.22 40.96 2.15
N ASP A 120 -4.29 39.94 3.00
CA ASP A 120 -4.24 40.15 4.43
C ASP A 120 -2.79 40.33 4.89
N THR A 121 -2.59 40.43 6.20
CA THR A 121 -1.25 40.65 6.73
C THR A 121 -0.35 39.44 6.52
N GLY A 122 -0.90 38.23 6.55
CA GLY A 122 -0.08 37.05 6.34
C GLY A 122 0.52 36.99 4.95
N GLN A 123 -0.29 37.31 3.93
CA GLN A 123 0.20 37.30 2.56
C GLN A 123 1.28 38.37 2.36
N LEU A 124 1.07 39.55 2.93
CA LEU A 124 2.08 40.60 2.82
C LEU A 124 3.38 40.19 3.50
N LEU A 125 3.28 39.60 4.69
CA LEU A 125 4.48 39.16 5.39
C LEU A 125 5.21 38.07 4.60
N LYS A 126 4.47 37.13 4.03
CA LYS A 126 5.07 36.07 3.24
C LYS A 126 5.76 36.62 1.99
N ILE A 127 5.11 37.58 1.31
CA ILE A 127 5.71 38.18 0.13
C ILE A 127 6.99 38.91 0.49
N ALA A 128 6.96 39.69 1.58
CA ALA A 128 8.15 40.44 1.98
C ALA A 128 9.28 39.51 2.42
N LYS A 129 8.94 38.44 3.12
CA LYS A 129 9.97 37.50 3.59
C LYS A 129 10.61 36.77 2.43
N ARG A 130 9.81 36.26 1.50
CA ARG A 130 10.35 35.47 0.40
C ARG A 130 10.72 36.34 -0.80
N GLY A 131 9.77 37.13 -1.29
CA GLY A 131 10.03 37.94 -2.46
C GLY A 131 11.05 39.04 -2.22
N GLY A 132 10.95 39.71 -1.09
CA GLY A 132 11.79 40.86 -0.79
C GLY A 132 11.08 42.17 -1.03
N VAL A 133 11.84 43.25 -0.87
CA VAL A 133 11.29 44.59 -1.09
C VAL A 133 10.94 44.79 -2.56
N THR A 134 11.74 44.21 -3.46
CA THR A 134 11.50 44.38 -4.89
C THR A 134 10.18 43.75 -5.30
N ALA A 135 9.84 42.59 -4.73
CA ALA A 135 8.57 41.96 -5.03
C ALA A 135 7.40 42.82 -4.56
N VAL A 136 7.53 43.43 -3.37
CA VAL A 136 6.47 44.30 -2.86
C VAL A 136 6.30 45.51 -3.78
N GLU A 137 7.42 46.11 -4.20
CA GLU A 137 7.32 47.26 -5.09
C GLU A 137 6.70 46.88 -6.44
N ALA A 138 7.07 45.72 -6.97
CA ALA A 138 6.49 45.27 -8.23
C ALA A 138 4.99 45.00 -8.10
N VAL A 139 4.58 44.40 -6.98
CA VAL A 139 3.15 44.15 -6.76
C VAL A 139 2.40 45.48 -6.66
N HIS A 140 2.98 46.46 -5.95
CA HIS A 140 2.37 47.78 -5.88
C HIS A 140 2.24 48.41 -7.25
N ALA A 141 3.29 48.31 -8.07
CA ALA A 141 3.27 48.95 -9.39
C ALA A 141 2.24 48.31 -10.31
N TRP A 142 1.93 47.02 -10.10
CA TRP A 142 1.05 46.27 -10.99
C TRP A 142 -0.12 45.67 -10.23
N ARG A 143 -0.74 46.49 -9.38
CA ARG A 143 -1.92 46.05 -8.64
C ARG A 143 -3.09 45.75 -9.58
N ASN A 144 -3.36 46.66 -10.52
CA ASN A 144 -4.48 46.51 -11.43
C ASN A 144 -4.11 45.81 -12.73
N ALA A 145 -2.83 45.66 -13.03
CA ALA A 145 -2.43 44.94 -14.25
C ALA A 145 -2.57 43.44 -14.09
N LEU A 146 -2.24 42.92 -12.91
CA LEU A 146 -2.27 41.47 -12.70
C LEU A 146 -3.69 40.94 -12.57
N THR A 147 -4.55 41.66 -11.85
CA THR A 147 -5.92 41.24 -11.60
C THR A 147 -6.88 42.22 -12.26
N GLY A 148 -8.04 41.72 -12.68
CA GLY A 148 -8.97 42.53 -13.44
C GLY A 148 -8.44 42.93 -14.79
N ALA A 149 -7.84 41.98 -15.50
CA ALA A 149 -7.19 42.24 -16.78
C ALA A 149 -7.35 41.01 -17.64
N PRO A 150 -6.89 41.05 -18.90
CA PRO A 150 -6.87 39.82 -19.70
C PRO A 150 -6.05 38.70 -19.09
N LEU A 151 -5.09 39.02 -18.22
CA LEU A 151 -4.33 37.98 -17.53
C LEU A 151 -5.23 37.15 -16.63
N ASN A 152 -6.13 37.80 -15.89
CA ASN A 152 -7.11 37.14 -15.04
C ASN A 152 -6.44 36.23 -14.00
N LEU A 153 -5.70 36.86 -13.09
CA LEU A 153 -5.00 36.16 -12.02
C LEU A 153 -5.68 36.46 -10.69
N THR A 154 -6.04 35.41 -9.96
CA THR A 154 -6.58 35.57 -8.63
C THR A 154 -5.47 36.02 -7.68
N PRO A 155 -5.83 36.66 -6.55
CA PRO A 155 -4.80 37.12 -5.61
C PRO A 155 -3.90 36.00 -5.10
N GLU A 156 -4.42 34.79 -4.93
CA GLU A 156 -3.59 33.69 -4.45
C GLU A 156 -2.48 33.37 -5.45
N GLN A 157 -2.80 33.38 -6.75
CA GLN A 157 -1.79 33.10 -7.76
C GLN A 157 -0.73 34.19 -7.79
N VAL A 158 -1.13 35.45 -7.66
CA VAL A 158 -0.16 36.54 -7.64
C VAL A 158 0.75 36.42 -6.43
N VAL A 159 0.19 36.09 -5.27
CA VAL A 159 1.01 35.92 -4.07
C VAL A 159 1.98 34.76 -4.24
N ALA A 160 1.50 33.65 -4.82
CA ALA A 160 2.38 32.50 -5.04
C ALA A 160 3.52 32.83 -5.98
N ILE A 161 3.23 33.57 -7.06
CA ILE A 161 4.28 33.93 -8.01
C ILE A 161 5.28 34.88 -7.36
N ALA A 162 4.80 35.88 -6.62
CA ALA A 162 5.68 36.94 -6.14
C ALA A 162 6.54 36.48 -4.97
N SER A 163 6.06 35.53 -4.15
CA SER A 163 6.76 35.13 -2.94
C SER A 163 7.85 34.10 -3.25
N HIS A 164 8.80 34.51 -4.09
CA HIS A 164 9.93 33.67 -4.46
C HIS A 164 11.16 34.54 -4.63
N ASP A 165 12.32 33.91 -4.59
CA ASP A 165 13.57 34.62 -4.75
C ASP A 165 13.65 35.20 -6.16
N GLY A 166 13.75 36.52 -6.25
CA GLY A 166 13.65 37.19 -7.54
C GLY A 166 12.26 37.09 -8.15
N GLY A 167 11.22 37.27 -7.35
CA GLY A 167 9.85 37.12 -7.83
C GLY A 167 9.34 38.26 -8.68
N LYS A 168 9.97 39.43 -8.60
CA LYS A 168 9.57 40.55 -9.45
C LYS A 168 9.82 40.23 -10.93
N GLN A 169 10.96 39.61 -11.22
CA GLN A 169 11.24 39.19 -12.58
C GLN A 169 10.23 38.15 -13.05
N ALA A 170 9.86 37.22 -12.18
CA ALA A 170 8.84 36.24 -12.53
C ALA A 170 7.52 36.90 -12.80
N LEU A 171 7.16 37.91 -12.00
CA LEU A 171 5.90 38.62 -12.22
C LEU A 171 5.88 39.30 -13.58
N GLU A 172 6.94 40.05 -13.90
CA GLU A 172 6.96 40.75 -15.19
C GLU A 172 6.99 39.76 -16.35
N THR A 173 7.71 38.64 -16.20
CA THR A 173 7.80 37.67 -17.28
C THR A 173 6.47 36.96 -17.50
N VAL A 174 5.79 36.56 -16.42
CA VAL A 174 4.49 35.93 -16.60
C VAL A 174 3.50 36.92 -17.19
N GLN A 175 3.60 38.19 -16.80
CA GLN A 175 2.76 39.21 -17.41
C GLN A 175 2.99 39.28 -18.91
N ARG A 176 4.25 39.24 -19.36
CA ARG A 176 4.51 39.45 -20.77
C ARG A 176 4.40 38.17 -21.61
N LEU A 177 4.36 37.00 -20.97
CA LEU A 177 4.27 35.74 -21.71
C LEU A 177 2.98 34.96 -21.52
N LEU A 178 2.11 35.33 -20.58
CA LEU A 178 0.92 34.51 -20.35
C LEU A 178 0.00 34.43 -21.57
N PRO A 179 -0.35 35.53 -22.26
CA PRO A 179 -1.14 35.36 -23.50
C PRO A 179 -0.41 34.54 -24.56
N VAL A 180 0.90 34.72 -24.71
CA VAL A 180 1.63 33.99 -25.73
C VAL A 180 1.65 32.50 -25.41
N LEU A 181 1.92 32.15 -24.15
CA LEU A 181 1.94 30.75 -23.77
C LEU A 181 0.56 30.11 -23.83
N CYS A 182 -0.48 30.87 -23.51
CA CYS A 182 -1.84 30.33 -23.52
C CYS A 182 -2.39 30.18 -24.92
N GLN A 183 -2.00 31.05 -25.85
CA GLN A 183 -2.59 31.04 -27.19
C GLN A 183 -1.78 30.18 -28.16
N ALA A 184 -0.50 30.53 -28.36
CA ALA A 184 0.30 29.85 -29.38
C ALA A 184 0.63 28.42 -28.95
N HIS A 185 1.07 28.24 -27.71
CA HIS A 185 1.51 26.93 -27.24
C HIS A 185 0.43 26.14 -26.55
N GLY A 186 -0.76 26.71 -26.35
CA GLY A 186 -1.87 25.99 -25.75
C GLY A 186 -1.62 25.52 -24.34
N LEU A 187 -1.11 26.41 -23.50
CA LEU A 187 -0.77 26.07 -22.12
C LEU A 187 -1.83 26.59 -21.17
N THR A 188 -2.23 25.75 -20.23
CA THR A 188 -3.20 26.15 -19.22
C THR A 188 -2.62 27.25 -18.34
N PRO A 189 -3.42 28.28 -18.01
CA PRO A 189 -2.91 29.34 -17.11
C PRO A 189 -2.45 28.81 -15.75
N GLU A 190 -3.09 27.77 -15.23
CA GLU A 190 -2.62 27.15 -14.00
C GLU A 190 -1.22 26.57 -14.19
N GLN A 191 -0.97 25.95 -15.34
CA GLN A 191 0.35 25.41 -15.62
C GLN A 191 1.39 26.51 -15.75
N VAL A 192 1.03 27.63 -16.37
CA VAL A 192 1.96 28.76 -16.49
C VAL A 192 2.28 29.33 -15.12
N VAL A 193 1.27 29.41 -14.24
CA VAL A 193 1.51 29.91 -12.89
C VAL A 193 2.38 28.93 -12.10
N ALA A 194 2.19 27.63 -12.32
CA ALA A 194 3.02 26.63 -11.65
C ALA A 194 4.46 26.71 -12.11
N ILE A 195 4.69 26.95 -13.40
CA ILE A 195 6.05 27.12 -13.90
C ILE A 195 6.68 28.39 -13.36
N ALA A 196 5.90 29.48 -13.31
CA ALA A 196 6.43 30.78 -12.92
C ALA A 196 6.72 30.90 -11.42
N SER A 197 6.11 30.04 -10.60
CA SER A 197 6.28 30.13 -9.15
C SER A 197 7.42 29.25 -8.68
N ASN A 198 8.62 29.57 -9.15
CA ASN A 198 9.83 28.86 -8.76
C ASN A 198 11.00 29.83 -8.79
N ILE A 199 12.05 29.49 -8.05
CA ILE A 199 13.24 30.32 -8.04
C ILE A 199 13.88 30.29 -9.42
N GLY A 200 14.15 31.47 -9.97
CA GLY A 200 14.55 31.56 -11.36
C GLY A 200 13.42 31.20 -12.30
N GLY A 201 12.18 31.52 -11.93
CA GLY A 201 11.04 31.19 -12.76
C GLY A 201 10.94 31.98 -14.04
N LYS A 202 11.55 33.17 -14.08
CA LYS A 202 11.61 33.92 -15.34
C LYS A 202 12.42 33.18 -16.39
N GLN A 203 13.57 32.63 -15.98
CA GLN A 203 14.39 31.86 -16.91
C GLN A 203 13.66 30.59 -17.35
N ALA A 204 12.94 29.95 -16.44
CA ALA A 204 12.15 28.78 -16.82
C ALA A 204 11.08 29.14 -17.83
N LEU A 205 10.39 30.27 -17.62
CA LEU A 205 9.37 30.70 -18.56
C LEU A 205 9.97 31.00 -19.94
N GLU A 206 11.11 31.70 -19.96
CA GLU A 206 11.73 32.04 -21.23
C GLU A 206 12.19 30.78 -21.97
N THR A 207 12.79 29.84 -21.25
CA THR A 207 13.25 28.61 -21.88
C THR A 207 12.08 27.76 -22.36
N VAL A 208 10.99 27.74 -21.60
CA VAL A 208 9.79 27.02 -22.05
C VAL A 208 9.29 27.63 -23.35
N GLN A 209 9.18 28.96 -23.39
CA GLN A 209 8.71 29.62 -24.61
C GLN A 209 9.63 29.31 -25.79
N ARG A 210 10.94 29.23 -25.54
CA ARG A 210 11.87 29.00 -26.64
C ARG A 210 11.89 27.55 -27.11
N LEU A 211 11.72 26.59 -26.20
CA LEU A 211 12.02 25.19 -26.50
C LEU A 211 10.83 24.24 -26.43
N LEU A 212 9.62 24.72 -26.13
CA LEU A 212 8.49 23.81 -26.07
C LEU A 212 8.18 23.16 -27.41
N PRO A 213 8.10 23.88 -28.54
CA PRO A 213 7.87 23.18 -29.81
C PRO A 213 8.96 22.18 -30.16
N VAL A 214 10.22 22.49 -29.87
CA VAL A 214 11.31 21.59 -30.21
C VAL A 214 11.18 20.29 -29.42
N LEU A 215 10.96 20.40 -28.11
CA LEU A 215 10.79 19.20 -27.28
C LEU A 215 9.56 18.42 -27.69
N CYS A 216 8.46 19.10 -28.04
CA CYS A 216 7.23 18.39 -28.35
C CYS A 216 7.27 17.72 -29.71
N GLN A 217 8.02 18.27 -30.67
CA GLN A 217 8.05 17.73 -32.02
C GLN A 217 9.27 16.84 -32.26
N ALA A 218 10.47 17.36 -32.08
CA ALA A 218 11.68 16.61 -32.42
C ALA A 218 12.05 15.55 -31.40
N HIS A 219 11.38 15.52 -30.24
CA HIS A 219 11.69 14.54 -29.21
C HIS A 219 10.48 13.79 -28.69
N GLY A 220 9.27 14.15 -29.09
CA GLY A 220 8.09 13.40 -28.71
C GLY A 220 7.72 13.43 -27.25
N LEU A 221 7.78 14.60 -26.62
CA LEU A 221 7.35 14.78 -25.24
C LEU A 221 6.03 15.55 -25.20
N THR A 222 5.08 15.06 -24.42
CA THR A 222 3.83 15.77 -24.22
C THR A 222 4.08 17.07 -23.46
N PRO A 223 3.26 18.09 -23.70
CA PRO A 223 3.46 19.36 -22.97
C PRO A 223 3.37 19.20 -21.46
N GLU A 224 2.61 18.24 -20.96
CA GLU A 224 2.56 17.98 -19.53
C GLU A 224 3.93 17.59 -19.00
N GLN A 225 4.66 16.76 -19.74
CA GLN A 225 6.00 16.35 -19.31
C GLN A 225 6.96 17.52 -19.29
N VAL A 226 6.91 18.38 -20.31
CA VAL A 226 7.79 19.55 -20.34
C VAL A 226 7.46 20.50 -19.20
N VAL A 227 6.17 20.65 -18.87
CA VAL A 227 5.79 21.46 -17.73
C VAL A 227 6.31 20.84 -16.44
N ALA A 228 6.30 19.50 -16.37
CA ALA A 228 6.83 18.82 -15.20
C ALA A 228 8.33 19.07 -15.03
N ILE A 229 9.08 19.05 -16.14
CA ILE A 229 10.51 19.27 -16.06
C ILE A 229 10.84 20.69 -15.63
N ALA A 230 10.09 21.67 -16.15
CA ALA A 230 10.41 23.08 -16.01
C ALA A 230 9.81 23.72 -14.77
N SER A 231 9.16 22.95 -13.92
CA SER A 231 8.52 23.47 -12.70
C SER A 231 9.40 23.28 -11.48
N ASN A 232 10.72 23.39 -11.62
CA ASN A 232 11.66 23.18 -10.53
C ASN A 232 12.69 24.30 -10.53
N ASN A 233 13.41 24.40 -9.42
CA ASN A 233 14.51 25.37 -9.34
C ASN A 233 15.57 25.06 -10.39
N GLY A 234 16.03 26.10 -11.06
CA GLY A 234 16.96 25.91 -12.16
C GLY A 234 16.38 25.10 -13.29
N GLY A 235 15.10 25.34 -13.62
CA GLY A 235 14.43 24.56 -14.65
C GLY A 235 14.95 24.82 -16.05
N LYS A 236 15.57 25.98 -16.28
CA LYS A 236 16.19 26.24 -17.57
C LYS A 236 17.32 25.26 -17.85
N GLN A 237 18.15 25.00 -16.83
CA GLN A 237 19.24 24.03 -16.98
C GLN A 237 18.70 22.63 -17.25
N ALA A 238 17.65 22.24 -16.53
CA ALA A 238 17.06 20.92 -16.74
C ALA A 238 16.49 20.78 -18.15
N LEU A 239 15.80 21.82 -18.64
CA LEU A 239 15.26 21.77 -20.00
C LEU A 239 16.36 21.67 -21.04
N GLU A 240 17.40 22.51 -20.90
CA GLU A 240 18.49 22.49 -21.87
C GLU A 240 19.21 21.16 -21.86
N THR A 241 19.47 20.61 -20.68
CA THR A 241 20.18 19.34 -20.59
C THR A 241 19.33 18.20 -21.13
N VAL A 242 18.02 18.23 -20.89
CA VAL A 242 17.14 17.22 -21.46
C VAL A 242 17.20 17.28 -22.98
N GLN A 243 17.10 18.49 -23.54
CA GLN A 243 17.14 18.64 -24.99
C GLN A 243 18.47 18.15 -25.56
N ARG A 244 19.57 18.41 -24.86
CA ARG A 244 20.87 18.01 -25.36
C ARG A 244 21.15 16.51 -25.20
N LEU A 245 20.69 15.91 -24.09
CA LEU A 245 21.12 14.57 -23.71
C LEU A 245 20.02 13.52 -23.83
N LEU A 246 18.84 13.87 -24.36
CA LEU A 246 17.81 12.85 -24.55
C LEU A 246 18.23 11.76 -25.51
N PRO A 247 18.73 12.05 -26.72
CA PRO A 247 19.14 10.94 -27.60
C PRO A 247 20.30 10.13 -27.04
N VAL A 248 21.29 10.78 -26.44
CA VAL A 248 22.46 10.07 -25.94
C VAL A 248 22.08 9.08 -24.85
N LEU A 249 21.20 9.49 -23.94
CA LEU A 249 20.76 8.59 -22.89
C LEU A 249 19.77 7.54 -23.40
N CYS A 250 18.93 7.88 -24.38
CA CYS A 250 17.94 6.92 -24.84
C CYS A 250 18.52 5.84 -25.74
N GLN A 251 19.53 6.15 -26.54
CA GLN A 251 20.06 5.15 -27.48
C GLN A 251 21.38 4.53 -27.03
N ALA A 252 22.32 5.31 -26.48
CA ALA A 252 23.58 4.75 -26.07
C ALA A 252 23.47 3.98 -24.75
N HIS A 253 22.64 4.48 -23.84
CA HIS A 253 22.46 3.85 -22.53
C HIS A 253 21.14 3.10 -22.41
N GLY A 254 20.31 3.12 -23.45
CA GLY A 254 19.07 2.37 -23.43
C GLY A 254 18.07 2.82 -22.39
N LEU A 255 17.84 4.12 -22.30
CA LEU A 255 16.94 4.70 -21.31
C LEU A 255 15.60 5.07 -21.95
N THR A 256 14.52 4.66 -21.30
CA THR A 256 13.19 5.04 -21.74
C THR A 256 12.99 6.54 -21.56
N PRO A 257 12.35 7.22 -22.53
CA PRO A 257 12.19 8.69 -22.39
C PRO A 257 11.47 9.11 -21.13
N GLU A 258 10.46 8.36 -20.69
CA GLU A 258 9.81 8.68 -19.43
C GLU A 258 10.76 8.53 -18.25
N GLN A 259 11.74 7.62 -18.35
CA GLN A 259 12.73 7.50 -17.28
C GLN A 259 13.61 8.74 -17.19
N VAL A 260 14.06 9.27 -18.34
CA VAL A 260 14.84 10.50 -18.35
C VAL A 260 14.01 11.66 -17.83
N VAL A 261 12.72 11.71 -18.20
CA VAL A 261 11.85 12.76 -17.69
C VAL A 261 11.73 12.68 -16.18
N ALA A 262 11.56 11.48 -15.64
CA ALA A 262 11.49 11.31 -14.20
C ALA A 262 12.78 11.73 -13.53
N ILE A 263 13.92 11.45 -14.17
CA ILE A 263 15.21 11.87 -13.63
C ILE A 263 15.29 13.39 -13.56
N ALA A 264 14.87 14.07 -14.63
CA ALA A 264 15.07 15.51 -14.77
C ALA A 264 13.94 16.34 -14.20
N SER A 265 12.91 15.72 -13.63
CA SER A 265 11.80 16.44 -13.01
C SER A 265 12.03 16.70 -11.54
N ASN A 266 13.28 16.87 -11.13
CA ASN A 266 13.63 17.12 -9.75
C ASN A 266 14.53 18.34 -9.67
N ASN A 267 14.70 18.84 -8.46
CA ASN A 267 15.59 19.98 -8.24
C ASN A 267 17.02 19.60 -8.56
N GLY A 268 17.68 20.41 -9.38
CA GLY A 268 19.01 20.08 -9.85
C GLY A 268 19.07 18.89 -10.76
N GLY A 269 18.08 18.72 -11.64
CA GLY A 269 18.00 17.55 -12.50
C GLY A 269 19.06 17.50 -13.59
N LYS A 270 19.65 18.64 -13.94
CA LYS A 270 20.77 18.63 -14.88
C LYS A 270 21.96 17.85 -14.31
N GLN A 271 22.26 18.06 -13.03
CA GLN A 271 23.33 17.33 -12.38
C GLN A 271 23.05 15.85 -12.35
N ALA A 272 21.80 15.47 -12.06
CA ALA A 272 21.42 14.06 -12.06
C ALA A 272 21.57 13.45 -13.44
N LEU A 273 21.16 14.17 -14.50
CA LEU A 273 21.29 13.64 -15.85
C LEU A 273 22.75 13.42 -16.23
N GLU A 274 23.59 14.42 -15.98
CA GLU A 274 25.00 14.30 -16.32
C GLU A 274 25.68 13.20 -15.50
N THR A 275 25.32 13.09 -14.22
CA THR A 275 25.89 12.04 -13.38
C THR A 275 25.43 10.66 -13.83
N VAL A 276 24.18 10.53 -14.27
CA VAL A 276 23.71 9.25 -14.79
C VAL A 276 24.50 8.89 -16.04
N GLN A 277 24.68 9.85 -16.94
CA GLN A 277 25.49 9.59 -18.13
C GLN A 277 26.90 9.16 -17.76
N ARG A 278 27.47 9.77 -16.72
CA ARG A 278 28.85 9.48 -16.35
C ARG A 278 28.99 8.12 -15.66
N LEU A 279 28.04 7.79 -14.78
CA LEU A 279 28.20 6.67 -13.85
C LEU A 279 27.30 5.48 -14.15
N LEU A 280 26.57 5.47 -15.28
CA LEU A 280 25.82 4.28 -15.62
C LEU A 280 26.73 3.08 -15.90
N PRO A 281 27.75 3.17 -16.76
CA PRO A 281 28.61 1.99 -16.97
C PRO A 281 29.35 1.55 -15.72
N VAL A 282 29.81 2.50 -14.91
CA VAL A 282 30.60 2.15 -13.72
C VAL A 282 29.75 1.35 -12.73
N LEU A 283 28.55 1.85 -12.45
CA LEU A 283 27.69 1.16 -11.48
C LEU A 283 27.09 -0.11 -12.06
N CYS A 284 26.87 -0.17 -13.37
CA CYS A 284 26.29 -1.36 -13.97
C CYS A 284 27.31 -2.50 -14.08
N GLN A 285 28.56 -2.18 -14.41
CA GLN A 285 29.58 -3.20 -14.64
C GLN A 285 30.41 -3.48 -13.39
N ALA A 286 31.02 -2.46 -12.81
CA ALA A 286 31.94 -2.67 -11.69
C ALA A 286 31.22 -3.04 -10.40
N HIS A 287 29.94 -2.71 -10.27
CA HIS A 287 29.20 -2.99 -9.05
C HIS A 287 27.92 -3.79 -9.28
N GLY A 288 27.63 -4.18 -10.52
CA GLY A 288 26.49 -5.05 -10.80
C GLY A 288 25.14 -4.48 -10.42
N LEU A 289 24.89 -3.23 -10.78
CA LEU A 289 23.61 -2.57 -10.51
C LEU A 289 22.81 -2.49 -11.80
N THR A 290 21.56 -2.93 -11.74
CA THR A 290 20.69 -2.84 -12.91
C THR A 290 20.35 -1.38 -13.20
N PRO A 291 20.18 -1.02 -14.47
CA PRO A 291 19.92 0.39 -14.80
C PRO A 291 18.68 0.95 -14.14
N GLU A 292 17.67 0.11 -13.90
CA GLU A 292 16.47 0.59 -13.22
C GLU A 292 16.80 1.05 -11.80
N GLN A 293 17.69 0.35 -11.12
CA GLN A 293 18.10 0.79 -9.78
C GLN A 293 18.83 2.13 -9.83
N VAL A 294 19.67 2.34 -10.84
CA VAL A 294 20.38 3.60 -10.96
C VAL A 294 19.40 4.74 -11.24
N VAL A 295 18.44 4.52 -12.14
CA VAL A 295 17.50 5.59 -12.44
C VAL A 295 16.51 5.79 -11.30
N ALA A 296 16.34 4.80 -10.43
CA ALA A 296 15.55 5.00 -9.23
C ALA A 296 16.32 5.82 -8.20
N ILE A 297 17.63 5.60 -8.12
CA ILE A 297 18.47 6.39 -7.22
C ILE A 297 18.50 7.85 -7.67
N ALA A 298 18.67 8.07 -8.98
CA ALA A 298 18.86 9.41 -9.51
C ALA A 298 17.57 10.21 -9.64
N SER A 299 16.41 9.59 -9.45
CA SER A 299 15.13 10.29 -9.56
C SER A 299 14.71 10.91 -8.23
N ASN A 300 15.63 11.65 -7.61
CA ASN A 300 15.36 12.31 -6.34
C ASN A 300 16.20 13.57 -6.26
N ILE A 301 15.77 14.50 -5.40
CA ILE A 301 16.52 15.74 -5.23
C ILE A 301 17.90 15.43 -4.69
N GLY A 302 18.92 16.00 -5.32
CA GLY A 302 20.29 15.63 -4.99
C GLY A 302 20.60 14.19 -5.34
N GLY A 303 20.16 13.73 -6.52
CA GLY A 303 20.46 12.39 -6.97
C GLY A 303 21.88 12.21 -7.48
N LYS A 304 22.53 13.29 -7.91
CA LYS A 304 23.94 13.22 -8.26
C LYS A 304 24.79 12.84 -7.06
N GLN A 305 24.51 13.46 -5.91
CA GLN A 305 25.25 13.14 -4.70
C GLN A 305 24.98 11.72 -4.26
N ALA A 306 23.73 11.28 -4.36
CA ALA A 306 23.42 9.89 -4.01
C ALA A 306 24.16 8.92 -4.90
N LEU A 307 24.21 9.18 -6.22
CA LEU A 307 24.92 8.29 -7.12
C LEU A 307 26.41 8.24 -6.83
N GLU A 308 27.03 9.40 -6.60
CA GLU A 308 28.45 9.42 -6.29
C GLU A 308 28.74 8.71 -4.97
N THR A 309 27.90 8.92 -3.96
CA THR A 309 28.09 8.26 -2.67
C THR A 309 27.91 6.75 -2.79
N VAL A 310 26.95 6.29 -3.60
CA VAL A 310 26.80 4.86 -3.83
C VAL A 310 28.06 4.31 -4.47
N GLN A 311 28.54 4.97 -5.53
CA GLN A 311 29.73 4.49 -6.23
C GLN A 311 30.93 4.44 -5.30
N ARG A 312 31.00 5.36 -4.33
CA ARG A 312 32.14 5.39 -3.43
C ARG A 312 32.02 4.41 -2.27
N LEU A 313 30.82 4.23 -1.73
CA LEU A 313 30.63 3.52 -0.47
C LEU A 313 29.98 2.15 -0.62
N LEU A 314 29.64 1.71 -1.82
CA LEU A 314 29.05 0.38 -1.96
C LEU A 314 29.99 -0.73 -1.52
N PRO A 315 31.26 -0.78 -1.95
CA PRO A 315 32.14 -1.84 -1.42
C PRO A 315 32.36 -1.74 0.08
N VAL A 316 32.43 -0.53 0.63
CA VAL A 316 32.65 -0.38 2.07
C VAL A 316 31.45 -0.90 2.84
N LEU A 317 30.25 -0.52 2.43
CA LEU A 317 29.04 -0.95 3.10
C LEU A 317 28.69 -2.41 2.83
N CYS A 318 29.31 -3.03 1.81
CA CYS A 318 29.00 -4.41 1.46
C CYS A 318 30.03 -5.42 1.94
N GLN A 319 31.27 -4.99 2.16
CA GLN A 319 32.33 -5.89 2.60
C GLN A 319 32.84 -5.58 4.00
N ALA A 320 32.23 -4.62 4.70
CA ALA A 320 32.64 -4.30 6.07
C ALA A 320 31.48 -4.10 7.03
N HIS A 321 30.24 -4.00 6.55
CA HIS A 321 29.09 -3.83 7.43
C HIS A 321 28.02 -4.88 7.22
N GLY A 322 28.20 -5.81 6.27
CA GLY A 322 27.23 -6.86 6.04
C GLY A 322 25.89 -6.38 5.55
N LEU A 323 25.90 -5.47 4.56
CA LEU A 323 24.69 -4.97 3.94
C LEU A 323 24.66 -5.40 2.48
N THR A 324 23.52 -5.95 2.05
CA THR A 324 23.36 -6.33 0.65
C THR A 324 23.19 -5.09 -0.22
N PRO A 325 23.58 -5.16 -1.50
CA PRO A 325 23.40 -3.99 -2.38
C PRO A 325 21.96 -3.52 -2.49
N GLU A 326 20.99 -4.42 -2.37
CA GLU A 326 19.59 -3.99 -2.39
C GLU A 326 19.30 -3.04 -1.24
N GLN A 327 19.84 -3.31 -0.06
CA GLN A 327 19.65 -2.42 1.09
C GLN A 327 20.28 -1.07 0.84
N VAL A 328 21.49 -1.05 0.25
CA VAL A 328 22.16 0.21 -0.02
C VAL A 328 21.38 1.04 -1.03
N VAL A 329 20.89 0.40 -2.10
CA VAL A 329 20.16 1.16 -3.10
C VAL A 329 18.76 1.53 -2.62
N ALA A 330 18.25 0.85 -1.59
CA ALA A 330 17.01 1.28 -0.96
C ALA A 330 17.25 2.49 -0.08
N ILE A 331 18.38 2.52 0.61
CA ILE A 331 18.74 3.69 1.41
C ILE A 331 18.95 4.91 0.53
N ALA A 332 19.65 4.73 -0.60
CA ALA A 332 20.03 5.83 -1.46
C ALA A 332 18.93 6.27 -2.42
N SER A 333 17.78 5.59 -2.42
CA SER A 333 16.67 5.92 -3.31
C SER A 333 15.68 6.90 -2.68
N ASN A 334 16.15 7.74 -1.76
CA ASN A 334 15.31 8.75 -1.13
C ASN A 334 16.02 10.10 -1.20
N GLY A 335 15.25 11.16 -1.00
CA GLY A 335 15.78 12.50 -1.00
C GLY A 335 16.85 12.70 0.06
N GLY A 336 17.99 13.27 -0.34
CA GLY A 336 19.13 13.35 0.55
C GLY A 336 19.71 12.01 0.93
N GLY A 337 19.84 11.10 -0.05
CA GLY A 337 20.32 9.76 0.22
C GLY A 337 21.81 9.67 0.49
N LYS A 338 22.59 10.65 0.04
CA LYS A 338 24.01 10.67 0.38
C LYS A 338 24.21 10.82 1.88
N GLN A 339 23.46 11.73 2.51
CA GLN A 339 23.57 11.93 3.94
C GLN A 339 23.18 10.67 4.72
N ALA A 340 22.10 10.01 4.29
CA ALA A 340 21.69 8.78 4.94
C ALA A 340 22.73 7.69 4.79
N LEU A 341 23.34 7.57 3.61
CA LEU A 341 24.37 6.57 3.39
C LEU A 341 25.57 6.82 4.29
N GLU A 342 26.03 8.08 4.36
CA GLU A 342 27.18 8.39 5.20
C GLU A 342 26.87 8.16 6.68
N THR A 343 25.67 8.55 7.13
CA THR A 343 25.30 8.34 8.51
C THR A 343 25.17 6.85 8.84
N VAL A 344 24.66 6.05 7.91
CA VAL A 344 24.64 4.61 8.11
C VAL A 344 26.05 4.08 8.25
N GLN A 345 26.94 4.45 7.33
CA GLN A 345 28.31 3.98 7.38
C GLN A 345 28.99 4.39 8.68
N ARG A 346 28.61 5.52 9.26
CA ARG A 346 29.23 5.99 10.48
C ARG A 346 28.62 5.39 11.74
N LEU A 347 27.31 5.15 11.76
CA LEU A 347 26.60 4.84 12.99
C LEU A 347 26.01 3.44 13.04
N LEU A 348 26.22 2.59 12.02
CA LEU A 348 25.74 1.22 12.12
C LEU A 348 26.35 0.47 13.28
N PRO A 349 27.68 0.48 13.50
CA PRO A 349 28.21 -0.19 14.71
C PRO A 349 27.68 0.39 16.01
N VAL A 350 27.54 1.71 16.11
CA VAL A 350 27.11 2.32 17.36
C VAL A 350 25.67 1.94 17.67
N LEU A 351 24.78 2.02 16.68
CA LEU A 351 23.39 1.70 16.89
C LEU A 351 23.12 0.20 16.91
N CYS A 352 24.07 -0.63 16.47
CA CYS A 352 23.87 -2.07 16.45
C CYS A 352 24.57 -2.80 17.57
N GLN A 353 25.52 -2.14 18.25
CA GLN A 353 26.28 -2.77 19.33
C GLN A 353 25.95 -2.23 20.71
N ALA A 354 25.56 -0.96 20.82
CA ALA A 354 25.27 -0.34 22.10
C ALA A 354 23.78 -0.21 22.39
N HIS A 355 22.99 0.16 21.38
CA HIS A 355 21.56 0.36 21.55
C HIS A 355 20.74 -0.87 21.18
N GLY A 356 21.38 -1.95 20.77
CA GLY A 356 20.66 -3.20 20.52
C GLY A 356 19.64 -3.12 19.42
N LEU A 357 19.98 -2.50 18.29
CA LEU A 357 19.11 -2.45 17.12
C LEU A 357 19.70 -3.35 16.03
N THR A 358 18.84 -4.14 15.40
CA THR A 358 19.30 -4.96 14.30
C THR A 358 19.62 -4.10 13.09
N PRO A 359 20.50 -4.57 12.19
CA PRO A 359 20.78 -3.80 10.97
C PRO A 359 19.54 -3.57 10.12
N GLU A 360 18.56 -4.48 10.17
CA GLU A 360 17.33 -4.27 9.41
C GLU A 360 16.57 -3.06 9.93
N GLN A 361 16.53 -2.87 11.25
CA GLN A 361 15.87 -1.71 11.82
C GLN A 361 16.57 -0.42 11.44
N VAL A 362 17.91 -0.42 11.44
CA VAL A 362 18.64 0.77 11.04
C VAL A 362 18.40 1.10 9.57
N VAL A 363 18.39 0.07 8.71
CA VAL A 363 18.12 0.29 7.30
C VAL A 363 16.70 0.81 7.11
N ALA A 364 15.75 0.31 7.89
CA ALA A 364 14.38 0.80 7.82
C ALA A 364 14.28 2.27 8.22
N ILE A 365 15.00 2.65 9.28
CA ILE A 365 14.97 4.04 9.72
C ILE A 365 15.62 4.95 8.68
N ALA A 366 16.71 4.50 8.07
CA ALA A 366 17.50 5.31 7.15
C ALA A 366 16.94 5.34 5.74
N SER A 367 15.86 4.61 5.46
CA SER A 367 15.29 4.51 4.12
C SER A 367 14.14 5.48 3.92
N ASN A 368 14.23 6.67 4.51
CA ASN A 368 13.18 7.67 4.41
C ASN A 368 13.81 9.04 4.23
N ILE A 369 13.00 10.01 3.78
CA ILE A 369 13.48 11.37 3.63
C ILE A 369 13.91 11.91 4.98
N GLY A 370 15.09 12.52 5.03
CA GLY A 370 15.68 12.90 6.29
C GLY A 370 16.09 11.72 7.14
N GLY A 371 16.66 10.69 6.52
CA GLY A 371 17.03 9.50 7.25
C GLY A 371 18.15 9.72 8.25
N LYS A 372 19.10 10.61 7.91
CA LYS A 372 20.20 10.88 8.83
C LYS A 372 19.73 11.61 10.07
N GLN A 373 18.77 12.53 9.91
CA GLN A 373 18.19 13.20 11.06
C GLN A 373 17.52 12.21 11.99
N ALA A 374 16.77 11.26 11.41
CA ALA A 374 16.14 10.21 12.20
C ALA A 374 17.17 9.34 12.89
N LEU A 375 18.28 9.03 12.22
CA LEU A 375 19.30 8.18 12.83
C LEU A 375 19.95 8.86 14.03
N GLU A 376 20.35 10.13 13.88
CA GLU A 376 20.90 10.84 15.02
C GLU A 376 19.88 11.02 16.13
N THR A 377 18.61 11.27 15.78
CA THR A 377 17.59 11.42 16.81
C THR A 377 17.37 10.12 17.56
N VAL A 378 17.39 8.98 16.86
CA VAL A 378 17.27 7.69 17.52
C VAL A 378 18.44 7.47 18.46
N GLN A 379 19.66 7.74 18.00
CA GLN A 379 20.82 7.57 18.87
C GLN A 379 20.71 8.44 20.12
N ARG A 380 20.23 9.67 19.96
CA ARG A 380 20.17 10.61 21.07
C ARG A 380 19.01 10.31 22.02
N LEU A 381 17.89 9.80 21.52
CA LEU A 381 16.66 9.73 22.28
C LEU A 381 16.21 8.33 22.64
N LEU A 382 16.85 7.28 22.13
CA LEU A 382 16.44 5.93 22.51
C LEU A 382 16.59 5.68 24.02
N PRO A 383 17.72 5.98 24.66
CA PRO A 383 17.78 5.76 26.12
C PRO A 383 16.75 6.56 26.91
N VAL A 384 16.47 7.81 26.50
CA VAL A 384 15.53 8.62 27.26
C VAL A 384 14.09 8.26 26.92
N LEU A 385 13.82 7.87 25.67
CA LEU A 385 12.47 7.44 25.31
C LEU A 385 12.15 6.05 25.85
N CYS A 386 13.16 5.26 26.21
CA CYS A 386 12.93 3.93 26.74
C CYS A 386 12.98 3.86 28.27
N GLN A 387 13.95 4.54 28.89
CA GLN A 387 14.13 4.46 30.33
C GLN A 387 13.33 5.49 31.10
N ALA A 388 12.68 6.43 30.42
CA ALA A 388 11.86 7.44 31.09
C ALA A 388 10.41 7.38 30.67
N HIS A 389 10.13 7.39 29.38
CA HIS A 389 8.75 7.44 28.89
C HIS A 389 8.14 6.06 28.65
N GLY A 390 8.92 4.99 28.78
CA GLY A 390 8.38 3.65 28.76
C GLY A 390 8.15 3.05 27.39
N LEU A 391 8.51 3.73 26.31
CA LEU A 391 8.34 3.15 24.98
C LEU A 391 9.34 2.03 24.75
N THR A 392 8.88 0.96 24.12
CA THR A 392 9.79 -0.10 23.73
C THR A 392 10.56 0.33 22.48
N PRO A 393 11.76 -0.20 22.27
CA PRO A 393 12.54 0.20 21.09
C PRO A 393 11.84 -0.03 19.77
N GLU A 394 10.96 -1.04 19.70
CA GLU A 394 10.20 -1.27 18.47
C GLU A 394 9.28 -0.10 18.18
N GLN A 395 8.63 0.45 19.21
CA GLN A 395 7.76 1.60 19.00
C GLN A 395 8.56 2.83 18.58
N VAL A 396 9.74 3.04 19.16
CA VAL A 396 10.58 4.16 18.75
C VAL A 396 11.01 4.00 17.29
N VAL A 397 11.38 2.78 16.90
CA VAL A 397 11.76 2.52 15.51
C VAL A 397 10.57 2.78 14.58
N ALA A 398 9.38 2.34 14.98
CA ALA A 398 8.19 2.56 14.16
C ALA A 398 7.90 4.05 14.00
N ILE A 399 8.05 4.83 15.07
CA ILE A 399 7.85 6.26 14.98
C ILE A 399 8.89 6.90 14.08
N ALA A 400 10.14 6.47 14.21
CA ALA A 400 11.24 7.06 13.45
C ALA A 400 11.33 6.58 12.02
N SER A 401 10.52 5.60 11.63
CA SER A 401 10.60 5.03 10.29
C SER A 401 9.70 5.73 9.28
N HIS A 402 9.35 6.99 9.50
CA HIS A 402 8.55 7.77 8.57
C HIS A 402 9.25 9.08 8.23
N ASP A 403 8.75 9.74 7.18
CA ASP A 403 9.28 11.03 6.79
C ASP A 403 9.08 12.06 7.90
N GLY A 404 10.11 12.86 8.14
CA GLY A 404 10.09 13.75 9.28
C GLY A 404 10.09 13.00 10.60
N GLY A 405 10.82 11.88 10.67
CA GLY A 405 10.85 11.08 11.88
C GLY A 405 11.48 11.79 13.07
N LYS A 406 12.44 12.67 12.82
CA LYS A 406 13.03 13.46 13.90
C LYS A 406 11.98 14.32 14.57
N GLN A 407 11.15 14.99 13.78
CA GLN A 407 10.09 15.83 14.31
C GLN A 407 9.09 15.01 15.11
N ALA A 408 8.72 13.84 14.60
CA ALA A 408 7.79 12.99 15.31
C ALA A 408 8.37 12.52 16.64
N LEU A 409 9.65 12.13 16.66
CA LEU A 409 10.26 11.65 17.90
C LEU A 409 10.38 12.77 18.92
N GLU A 410 10.83 13.95 18.50
CA GLU A 410 10.93 15.08 19.43
C GLU A 410 9.57 15.50 19.94
N THR A 411 8.55 15.52 19.06
CA THR A 411 7.21 15.87 19.49
C THR A 411 6.65 14.84 20.46
N VAL A 412 6.93 13.56 20.24
CA VAL A 412 6.50 12.52 21.18
C VAL A 412 7.14 12.74 22.53
N GLN A 413 8.45 12.98 22.55
CA GLN A 413 9.15 13.22 23.81
C GLN A 413 8.57 14.43 24.53
N ARG A 414 8.18 15.46 23.78
CA ARG A 414 7.67 16.68 24.41
C ARG A 414 6.22 16.53 24.90
N LEU A 415 5.37 15.85 24.13
CA LEU A 415 3.93 15.89 24.35
C LEU A 415 3.34 14.59 24.87
N LEU A 416 4.13 13.55 25.11
CA LEU A 416 3.57 12.33 25.66
C LEU A 416 2.93 12.53 27.02
N PRO A 417 3.57 13.20 28.00
CA PRO A 417 2.91 13.38 29.31
C PRO A 417 1.63 14.20 29.24
N VAL A 418 1.63 15.33 28.52
CA VAL A 418 0.43 16.17 28.49
C VAL A 418 -0.71 15.47 27.77
N LEU A 419 -0.41 14.79 26.65
CA LEU A 419 -1.45 14.07 25.93
C LEU A 419 -1.98 12.89 26.74
N CYS A 420 -1.12 12.25 27.52
CA CYS A 420 -1.57 11.12 28.33
C CYS A 420 -2.35 11.54 29.55
N GLN A 421 -2.02 12.70 30.14
CA GLN A 421 -2.63 13.12 31.40
C GLN A 421 -3.76 14.13 31.19
N ALA A 422 -3.47 15.25 30.53
CA ALA A 422 -4.47 16.31 30.38
C ALA A 422 -5.62 15.86 29.49
N HIS A 423 -5.33 15.04 28.48
CA HIS A 423 -6.34 14.62 27.53
C HIS A 423 -6.78 13.16 27.71
N GLY A 424 -6.11 12.41 28.57
CA GLY A 424 -6.53 11.04 28.83
C GLY A 424 -6.27 10.05 27.73
N LEU A 425 -5.30 10.32 26.85
CA LEU A 425 -4.98 9.39 25.78
C LEU A 425 -4.01 8.32 26.27
N THR A 426 -4.18 7.11 25.75
CA THR A 426 -3.26 6.03 26.02
C THR A 426 -1.94 6.26 25.28
N PRO A 427 -0.80 5.84 25.85
CA PRO A 427 0.46 5.93 25.10
C PRO A 427 0.41 5.24 23.75
N GLU A 428 -0.33 4.14 23.65
CA GLU A 428 -0.45 3.45 22.37
C GLU A 428 -1.16 4.31 21.34
N GLN A 429 -2.16 5.09 21.77
CA GLN A 429 -2.84 6.01 20.87
C GLN A 429 -1.91 7.10 20.38
N VAL A 430 -1.09 7.66 21.28
CA VAL A 430 -0.13 8.68 20.88
C VAL A 430 0.88 8.11 19.89
N VAL A 431 1.35 6.89 20.13
CA VAL A 431 2.28 6.26 19.21
C VAL A 431 1.61 6.00 17.86
N ALA A 432 0.32 5.63 17.87
CA ALA A 432 -0.41 5.41 16.62
C ALA A 432 -0.54 6.69 15.83
N ILE A 433 -0.86 7.80 16.50
CA ILE A 433 -0.95 9.09 15.81
C ILE A 433 0.41 9.50 15.26
N ALA A 434 1.47 9.30 16.06
CA ALA A 434 2.80 9.76 15.68
C ALA A 434 3.45 8.88 14.62
N SER A 435 3.05 7.61 14.50
CA SER A 435 3.67 6.72 13.53
C SER A 435 3.06 6.93 12.14
N ASN A 436 3.03 8.17 11.70
CA ASN A 436 2.50 8.52 10.38
C ASN A 436 3.31 9.69 9.84
N GLY A 437 3.29 9.85 8.53
CA GLY A 437 3.92 10.99 7.90
C GLY A 437 3.30 12.29 8.36
N GLY A 438 4.14 13.23 8.78
CA GLY A 438 3.63 14.45 9.39
C GLY A 438 2.96 14.22 10.73
N GLY A 439 3.48 13.28 11.53
CA GLY A 439 2.88 12.96 12.81
C GLY A 439 3.05 14.03 13.87
N LYS A 440 4.07 14.88 13.72
CA LYS A 440 4.21 16.02 14.63
C LYS A 440 3.04 16.97 14.49
N GLN A 441 2.64 17.27 13.26
CA GLN A 441 1.51 18.15 13.01
C GLN A 441 0.21 17.54 13.54
N ALA A 442 0.04 16.23 13.33
CA ALA A 442 -1.15 15.55 13.83
C ALA A 442 -1.20 15.57 15.35
N LEU A 443 -0.07 15.35 16.02
CA LEU A 443 -0.04 15.38 17.48
C LEU A 443 -0.35 16.77 18.01
N GLU A 444 0.22 17.80 17.41
CA GLU A 444 -0.07 19.17 17.85
C GLU A 444 -1.53 19.51 17.61
N THR A 445 -2.08 19.12 16.47
CA THR A 445 -3.49 19.38 16.18
C THR A 445 -4.40 18.64 17.16
N VAL A 446 -4.06 17.40 17.50
CA VAL A 446 -4.85 16.67 18.48
C VAL A 446 -4.83 17.39 19.82
N GLN A 447 -3.65 17.80 20.27
CA GLN A 447 -3.55 18.52 21.54
C GLN A 447 -4.39 19.79 21.52
N ARG A 448 -4.40 20.49 20.38
CA ARG A 448 -5.12 21.76 20.30
C ARG A 448 -6.62 21.57 20.18
N LEU A 449 -7.08 20.56 19.45
CA LEU A 449 -8.47 20.44 19.03
C LEU A 449 -9.25 19.34 19.72
N LEU A 450 -8.62 18.54 20.60
CA LEU A 450 -9.40 17.53 21.32
C LEU A 450 -10.50 18.12 22.18
N PRO A 451 -10.28 19.17 22.98
CA PRO A 451 -11.40 19.68 23.81
C PRO A 451 -12.56 20.21 22.99
N VAL A 452 -12.30 21.02 21.95
CA VAL A 452 -13.38 21.63 21.20
C VAL A 452 -14.13 20.59 20.39
N LEU A 453 -13.42 19.64 19.78
CA LEU A 453 -14.10 18.61 18.99
C LEU A 453 -14.87 17.66 19.89
N CYS A 454 -14.34 17.36 21.08
CA CYS A 454 -15.02 16.43 21.98
C CYS A 454 -16.21 17.09 22.69
N GLN A 455 -16.19 18.41 22.87
CA GLN A 455 -17.23 19.08 23.63
C GLN A 455 -18.25 19.76 22.73
N ALA A 456 -17.80 20.63 21.83
CA ALA A 456 -18.74 21.39 21.01
C ALA A 456 -19.41 20.51 19.96
N HIS A 457 -18.65 19.67 19.27
CA HIS A 457 -19.18 18.88 18.16
C HIS A 457 -19.70 17.52 18.60
N GLY A 458 -19.54 17.15 19.86
CA GLY A 458 -20.07 15.89 20.35
C GLY A 458 -19.28 14.65 19.96
N LEU A 459 -18.08 14.81 19.42
CA LEU A 459 -17.26 13.67 19.09
C LEU A 459 -16.68 13.04 20.35
N THR A 460 -16.14 11.83 20.19
CA THR A 460 -15.46 11.13 21.26
C THR A 460 -13.96 11.09 20.99
N PRO A 461 -13.13 10.96 22.03
CA PRO A 461 -11.68 10.93 21.79
C PRO A 461 -11.23 9.84 20.84
N GLU A 462 -11.90 8.69 20.85
CA GLU A 462 -11.54 7.61 19.94
C GLU A 462 -11.75 8.02 18.49
N GLN A 463 -12.85 8.73 18.22
CA GLN A 463 -13.11 9.20 16.85
C GLN A 463 -12.06 10.20 16.40
N VAL A 464 -11.68 11.14 17.27
CA VAL A 464 -10.65 12.11 16.92
C VAL A 464 -9.32 11.42 16.66
N VAL A 465 -8.96 10.45 17.50
CA VAL A 465 -7.72 9.72 17.32
C VAL A 465 -7.74 8.90 16.03
N ALA A 466 -8.90 8.33 15.69
CA ALA A 466 -9.02 7.59 14.44
C ALA A 466 -8.87 8.51 13.23
N ILE A 467 -9.44 9.72 13.32
CA ILE A 467 -9.27 10.68 12.24
C ILE A 467 -7.80 11.10 12.11
N ALA A 468 -7.13 11.30 13.24
CA ALA A 468 -5.77 11.84 13.24
C ALA A 468 -4.71 10.80 12.92
N SER A 469 -5.03 9.51 12.98
CA SER A 469 -4.03 8.48 12.76
C SER A 469 -3.87 8.16 11.29
N HIS A 470 -3.67 9.20 10.48
CA HIS A 470 -3.54 9.06 9.04
C HIS A 470 -2.65 10.18 8.51
N ASP A 471 -2.11 9.98 7.31
CA ASP A 471 -1.29 11.00 6.70
C ASP A 471 -2.14 12.25 6.42
N GLY A 472 -1.61 13.41 6.82
CA GLY A 472 -2.38 14.63 6.76
C GLY A 472 -3.57 14.64 7.71
N GLY A 473 -3.41 14.07 8.91
CA GLY A 473 -4.49 14.04 9.88
C GLY A 473 -4.81 15.38 10.47
N LYS A 474 -3.85 16.31 10.47
CA LYS A 474 -4.12 17.67 10.91
C LYS A 474 -5.14 18.35 10.00
N GLN A 475 -4.98 18.20 8.69
CA GLN A 475 -5.91 18.79 7.74
C GLN A 475 -7.29 18.18 7.87
N ALA A 476 -7.37 16.86 8.05
CA ALA A 476 -8.65 16.20 8.24
C ALA A 476 -9.34 16.68 9.51
N LEU A 477 -8.57 16.83 10.60
CA LEU A 477 -9.15 17.31 11.85
C LEU A 477 -9.69 18.73 11.71
N GLU A 478 -8.92 19.62 11.08
CA GLU A 478 -9.39 20.99 10.89
C GLU A 478 -10.61 21.03 9.98
N THR A 479 -10.60 20.24 8.91
CA THR A 479 -11.74 20.20 8.00
C THR A 479 -12.99 19.68 8.68
N VAL A 480 -12.85 18.65 9.54
CA VAL A 480 -14.00 18.16 10.29
C VAL A 480 -14.52 19.24 11.22
N GLN A 481 -13.61 19.88 11.97
CA GLN A 481 -14.02 20.90 12.93
C GLN A 481 -14.69 22.08 12.22
N ARG A 482 -14.37 22.31 10.95
CA ARG A 482 -14.99 23.40 10.20
C ARG A 482 -16.30 22.98 9.53
N LEU A 483 -16.38 21.76 9.02
CA LEU A 483 -17.47 21.36 8.13
C LEU A 483 -18.51 20.44 8.76
N LEU A 484 -18.31 19.99 10.00
CA LEU A 484 -19.31 19.10 10.59
C LEU A 484 -20.68 19.74 10.72
N PRO A 485 -20.83 20.98 11.21
CA PRO A 485 -22.19 21.54 11.31
C PRO A 485 -22.89 21.70 9.98
N VAL A 486 -22.20 22.21 8.96
CA VAL A 486 -22.84 22.45 7.68
C VAL A 486 -23.19 21.12 6.99
N LEU A 487 -22.31 20.12 7.12
CA LEU A 487 -22.60 18.83 6.52
C LEU A 487 -23.76 18.12 7.22
N CYS A 488 -23.82 18.21 8.55
CA CYS A 488 -24.86 17.52 9.29
C CYS A 488 -26.17 18.29 9.29
N GLN A 489 -26.17 19.57 8.91
CA GLN A 489 -27.40 20.37 8.89
C GLN A 489 -27.96 20.53 7.48
N ALA A 490 -27.16 21.07 6.56
CA ALA A 490 -27.66 21.35 5.22
C ALA A 490 -27.86 20.07 4.42
N HIS A 491 -26.89 19.16 4.45
CA HIS A 491 -26.91 17.96 3.63
C HIS A 491 -27.52 16.76 4.34
N GLY A 492 -27.91 16.90 5.59
CA GLY A 492 -28.61 15.82 6.28
C GLY A 492 -27.76 14.62 6.61
N LEU A 493 -26.45 14.79 6.73
CA LEU A 493 -25.57 13.70 7.12
C LEU A 493 -25.64 13.50 8.64
N THR A 494 -24.87 12.53 9.12
CA THR A 494 -24.76 12.23 10.54
C THR A 494 -23.29 12.23 10.92
N PRO A 495 -22.98 12.54 12.19
CA PRO A 495 -21.56 12.67 12.58
C PRO A 495 -20.73 11.41 12.34
N GLU A 496 -21.33 10.22 12.50
CA GLU A 496 -20.56 9.00 12.27
C GLU A 496 -20.23 8.82 10.79
N GLN A 497 -21.13 9.23 9.89
CA GLN A 497 -20.82 9.23 8.47
C GLN A 497 -19.69 10.19 8.14
N VAL A 498 -19.69 11.38 8.75
CA VAL A 498 -18.64 12.36 8.52
C VAL A 498 -17.30 11.83 9.02
N VAL A 499 -17.30 11.19 10.19
CA VAL A 499 -16.07 10.61 10.73
C VAL A 499 -15.56 9.50 9.80
N ALA A 500 -16.48 8.67 9.29
CA ALA A 500 -16.09 7.61 8.36
C ALA A 500 -15.47 8.19 7.10
N ILE A 501 -16.05 9.27 6.57
CA ILE A 501 -15.49 9.92 5.39
C ILE A 501 -14.09 10.45 5.68
N ALA A 502 -13.92 11.09 6.84
CA ALA A 502 -12.69 11.80 7.15
C ALA A 502 -11.57 10.91 7.68
N SER A 503 -11.87 9.65 8.02
CA SER A 503 -10.85 8.80 8.62
C SER A 503 -9.68 8.52 7.66
N HIS A 504 -9.97 8.31 6.38
CA HIS A 504 -8.96 7.86 5.43
C HIS A 504 -8.01 9.00 5.05
N ASP A 505 -6.90 8.64 4.38
CA ASP A 505 -5.99 9.65 3.85
C ASP A 505 -6.71 10.52 2.82
N GLY A 506 -6.36 11.80 2.82
CA GLY A 506 -7.10 12.75 2.01
C GLY A 506 -8.54 12.91 2.47
N GLY A 507 -8.77 12.81 3.78
CA GLY A 507 -10.12 13.00 4.30
C GLY A 507 -10.62 14.41 4.12
N LYS A 508 -9.71 15.40 4.16
CA LYS A 508 -10.10 16.79 3.92
C LYS A 508 -10.63 16.98 2.51
N GLN A 509 -9.93 16.41 1.52
CA GLN A 509 -10.36 16.53 0.14
C GLN A 509 -11.70 15.82 -0.09
N ALA A 510 -11.85 14.63 0.48
CA ALA A 510 -13.12 13.91 0.35
C ALA A 510 -14.26 14.68 1.00
N LEU A 511 -14.01 15.28 2.17
CA LEU A 511 -15.05 16.05 2.86
C LEU A 511 -15.48 17.25 2.03
N GLU A 512 -14.51 18.00 1.49
CA GLU A 512 -14.84 19.14 0.66
C GLU A 512 -15.60 18.70 -0.60
N THR A 513 -15.15 17.63 -1.25
CA THR A 513 -15.81 17.15 -2.44
C THR A 513 -17.23 16.69 -2.16
N VAL A 514 -17.44 16.03 -1.02
CA VAL A 514 -18.80 15.63 -0.63
C VAL A 514 -19.67 16.84 -0.41
N GLN A 515 -19.18 17.81 0.38
CA GLN A 515 -19.95 19.01 0.65
C GLN A 515 -20.29 19.76 -0.63
N ARG A 516 -19.46 19.63 -1.67
CA ARG A 516 -19.73 20.28 -2.94
C ARG A 516 -20.67 19.49 -3.85
N LEU A 517 -20.51 18.16 -3.90
CA LEU A 517 -21.13 17.34 -4.93
C LEU A 517 -22.31 16.51 -4.46
N LEU A 518 -22.63 16.49 -3.17
CA LEU A 518 -23.76 15.69 -2.71
C LEU A 518 -25.08 16.12 -3.35
N PRO A 519 -25.45 17.41 -3.37
CA PRO A 519 -26.67 17.77 -4.09
C PRO A 519 -26.64 17.44 -5.58
N VAL A 520 -25.49 17.64 -6.23
CA VAL A 520 -25.40 17.37 -7.66
C VAL A 520 -25.62 15.90 -7.95
N LEU A 521 -24.96 15.03 -7.20
CA LEU A 521 -25.10 13.59 -7.43
C LEU A 521 -26.46 13.08 -7.00
N CYS A 522 -27.06 13.68 -5.96
CA CYS A 522 -28.32 13.17 -5.45
C CYS A 522 -29.53 13.67 -6.25
N GLN A 523 -29.41 14.81 -6.93
CA GLN A 523 -30.51 15.35 -7.71
C GLN A 523 -30.38 15.03 -9.19
N ALA A 524 -29.26 15.41 -9.80
CA ALA A 524 -29.09 15.22 -11.24
C ALA A 524 -28.96 13.75 -11.60
N HIS A 525 -28.09 13.03 -10.88
CA HIS A 525 -27.79 11.64 -11.21
C HIS A 525 -28.68 10.64 -10.48
N GLY A 526 -29.53 11.10 -9.56
CA GLY A 526 -30.48 10.23 -8.90
C GLY A 526 -29.90 9.28 -7.88
N LEU A 527 -28.73 9.57 -7.32
CA LEU A 527 -28.13 8.69 -6.33
C LEU A 527 -28.80 8.90 -4.97
N THR A 528 -28.21 8.29 -3.95
CA THR A 528 -28.64 8.32 -2.57
C THR A 528 -27.51 8.82 -1.69
N PRO A 529 -27.80 9.60 -0.64
CA PRO A 529 -26.71 10.08 0.24
C PRO A 529 -25.87 8.97 0.83
N GLU A 530 -26.47 7.81 1.11
CA GLU A 530 -25.69 6.68 1.59
C GLU A 530 -24.71 6.19 0.54
N GLN A 531 -25.13 6.16 -0.73
CA GLN A 531 -24.23 5.75 -1.79
C GLN A 531 -23.07 6.73 -1.95
N VAL A 532 -23.35 8.04 -1.83
CA VAL A 532 -22.29 9.04 -1.88
C VAL A 532 -21.31 8.86 -0.72
N VAL A 533 -21.84 8.60 0.47
CA VAL A 533 -20.97 8.40 1.63
C VAL A 533 -20.13 7.14 1.46
N ALA A 534 -20.70 6.09 0.85
CA ALA A 534 -19.95 4.88 0.59
C ALA A 534 -18.83 5.12 -0.41
N ILE A 535 -19.10 5.90 -1.45
CA ILE A 535 -18.08 6.23 -2.43
C ILE A 535 -16.96 7.04 -1.80
N ALA A 536 -17.32 7.98 -0.92
CA ALA A 536 -16.34 8.89 -0.33
C ALA A 536 -15.58 8.28 0.85
N SER A 537 -16.02 7.16 1.39
CA SER A 537 -15.36 6.55 2.54
C SER A 537 -14.23 5.61 2.10
N ASN A 538 -13.34 6.10 1.25
CA ASN A 538 -12.22 5.32 0.75
C ASN A 538 -11.05 6.25 0.49
N GLY A 539 -9.86 5.66 0.40
CA GLY A 539 -8.68 6.39 0.02
C GLY A 539 -8.81 6.98 -1.38
N GLY A 540 -8.51 8.26 -1.52
CA GLY A 540 -8.75 8.95 -2.77
C GLY A 540 -10.21 9.07 -3.12
N GLY A 541 -11.08 9.23 -2.12
CA GLY A 541 -12.51 9.29 -2.36
C GLY A 541 -12.95 10.51 -3.15
N LYS A 542 -12.15 11.57 -3.14
CA LYS A 542 -12.45 12.73 -4.00
C LYS A 542 -12.35 12.37 -5.47
N GLN A 543 -11.31 11.62 -5.85
CA GLN A 543 -11.17 11.19 -7.23
C GLN A 543 -12.29 10.25 -7.64
N ALA A 544 -12.68 9.34 -6.74
CA ALA A 544 -13.80 8.44 -7.03
C ALA A 544 -15.10 9.23 -7.21
N LEU A 545 -15.33 10.22 -6.36
CA LEU A 545 -16.54 11.03 -6.48
C LEU A 545 -16.58 11.80 -7.78
N GLU A 546 -15.46 12.42 -8.16
CA GLU A 546 -15.42 13.16 -9.42
C GLU A 546 -15.60 12.23 -10.62
N THR A 547 -14.93 11.08 -10.60
CA THR A 547 -15.05 10.14 -11.71
C THR A 547 -16.48 9.61 -11.83
N VAL A 548 -17.14 9.35 -10.70
CA VAL A 548 -18.54 8.92 -10.75
C VAL A 548 -19.41 10.03 -11.33
N GLN A 549 -19.26 11.24 -10.81
CA GLN A 549 -20.06 12.36 -11.28
C GLN A 549 -19.83 12.65 -12.75
N ARG A 550 -18.71 12.19 -13.30
CA ARG A 550 -18.44 12.35 -14.73
C ARG A 550 -18.95 11.19 -15.57
N LEU A 551 -18.72 9.95 -15.13
CA LEU A 551 -18.95 8.77 -15.98
C LEU A 551 -20.24 8.02 -15.67
N LEU A 552 -21.02 8.43 -14.68
CA LEU A 552 -22.24 7.66 -14.39
C LEU A 552 -23.23 7.68 -15.54
N PRO A 553 -23.58 8.83 -16.15
CA PRO A 553 -24.48 8.76 -17.33
C PRO A 553 -23.87 8.00 -18.50
N VAL A 554 -22.56 8.16 -18.74
CA VAL A 554 -21.92 7.48 -19.85
C VAL A 554 -21.93 5.97 -19.64
N LEU A 555 -21.56 5.53 -18.44
CA LEU A 555 -21.52 4.10 -18.17
C LEU A 555 -22.92 3.50 -18.16
N CYS A 556 -23.90 4.23 -17.62
CA CYS A 556 -25.25 3.70 -17.51
C CYS A 556 -26.05 3.81 -18.81
N GLN A 557 -25.57 4.58 -19.78
CA GLN A 557 -26.28 4.74 -21.05
C GLN A 557 -25.59 4.03 -22.21
N ALA A 558 -24.30 4.29 -22.42
CA ALA A 558 -23.61 3.70 -23.56
C ALA A 558 -23.37 2.21 -23.35
N HIS A 559 -22.90 1.82 -22.17
CA HIS A 559 -22.54 0.44 -21.89
C HIS A 559 -23.65 -0.36 -21.22
N GLY A 560 -24.80 0.26 -20.95
CA GLY A 560 -25.92 -0.47 -20.38
C GLY A 560 -25.72 -0.96 -18.96
N LEU A 561 -24.89 -0.29 -18.17
CA LEU A 561 -24.66 -0.69 -16.80
C LEU A 561 -25.81 -0.21 -15.92
N THR A 562 -25.61 -0.28 -14.61
CA THR A 562 -26.57 0.09 -13.59
C THR A 562 -25.95 1.07 -12.61
N PRO A 563 -26.71 2.05 -12.11
CA PRO A 563 -26.13 2.96 -11.10
C PRO A 563 -25.60 2.22 -9.87
N GLU A 564 -26.28 1.15 -9.45
CA GLU A 564 -25.77 0.36 -8.34
C GLU A 564 -24.44 -0.31 -8.71
N GLN A 565 -24.32 -0.80 -9.94
CA GLN A 565 -23.06 -1.40 -10.37
C GLN A 565 -21.93 -0.38 -10.37
N VAL A 566 -22.20 0.83 -10.84
CA VAL A 566 -21.19 1.89 -10.84
C VAL A 566 -20.78 2.24 -9.42
N VAL A 567 -21.76 2.36 -8.52
CA VAL A 567 -21.45 2.67 -7.13
C VAL A 567 -20.63 1.54 -6.50
N ALA A 568 -20.91 0.30 -6.88
CA ALA A 568 -20.16 -0.83 -6.34
C ALA A 568 -18.72 -0.82 -6.84
N ILE A 569 -18.51 -0.52 -8.12
CA ILE A 569 -17.16 -0.47 -8.66
C ILE A 569 -16.37 0.69 -8.05
N ALA A 570 -17.04 1.80 -7.78
CA ALA A 570 -16.38 3.01 -7.33
C ALA A 570 -16.12 3.07 -5.83
N SER A 571 -16.54 2.06 -5.07
CA SER A 571 -16.50 2.09 -3.62
C SER A 571 -15.26 1.40 -3.05
N HIS A 572 -14.14 1.47 -3.77
CA HIS A 572 -12.90 0.86 -3.32
C HIS A 572 -11.74 1.82 -3.59
N ASP A 573 -10.60 1.55 -2.96
CA ASP A 573 -9.40 2.33 -3.25
C ASP A 573 -9.01 2.20 -4.71
N GLY A 574 -8.64 3.33 -5.31
CA GLY A 574 -8.44 3.37 -6.75
C GLY A 574 -9.72 3.15 -7.52
N GLY A 575 -10.86 3.61 -6.99
CA GLY A 575 -12.12 3.44 -7.70
C GLY A 575 -12.21 4.28 -8.95
N LYS A 576 -11.47 5.40 -9.01
CA LYS A 576 -11.35 6.14 -10.25
C LYS A 576 -10.65 5.32 -11.32
N GLN A 577 -9.57 4.64 -10.94
CA GLN A 577 -8.84 3.79 -11.88
C GLN A 577 -9.71 2.64 -12.35
N ALA A 578 -10.46 2.00 -11.43
CA ALA A 578 -11.33 0.91 -11.82
C ALA A 578 -12.45 1.39 -12.73
N LEU A 579 -13.02 2.56 -12.46
CA LEU A 579 -14.08 3.08 -13.31
C LEU A 579 -13.56 3.39 -14.71
N GLU A 580 -12.39 4.04 -14.79
CA GLU A 580 -11.83 4.35 -16.11
C GLU A 580 -11.47 3.09 -16.87
N THR A 581 -10.90 2.09 -16.18
CA THR A 581 -10.57 0.83 -16.83
C THR A 581 -11.81 0.12 -17.33
N VAL A 582 -12.89 0.12 -16.54
CA VAL A 582 -14.13 -0.50 -16.98
C VAL A 582 -14.67 0.21 -18.22
N GLN A 583 -14.70 1.54 -18.19
CA GLN A 583 -15.21 2.29 -19.34
C GLN A 583 -14.38 2.01 -20.59
N ARG A 584 -13.07 1.87 -20.43
CA ARG A 584 -12.21 1.64 -21.58
C ARG A 584 -12.29 0.21 -22.09
N LEU A 585 -12.48 -0.77 -21.22
CA LEU A 585 -12.28 -2.17 -21.56
C LEU A 585 -13.54 -3.01 -21.61
N LEU A 586 -14.71 -2.45 -21.28
CA LEU A 586 -15.92 -3.28 -21.32
C LEU A 586 -16.21 -3.84 -22.69
N PRO A 587 -16.17 -3.07 -23.79
CA PRO A 587 -16.38 -3.71 -25.11
C PRO A 587 -15.30 -4.71 -25.48
N VAL A 588 -14.04 -4.42 -25.17
CA VAL A 588 -12.96 -5.33 -25.54
C VAL A 588 -13.16 -6.68 -24.85
N LEU A 589 -13.45 -6.65 -23.54
CA LEU A 589 -13.68 -7.89 -22.82
C LEU A 589 -14.98 -8.56 -23.25
N CYS A 590 -16.00 -7.78 -23.62
CA CYS A 590 -17.30 -8.37 -23.93
C CYS A 590 -17.31 -9.09 -25.27
N GLN A 591 -16.72 -8.49 -26.30
CA GLN A 591 -16.68 -9.19 -27.59
C GLN A 591 -15.38 -9.96 -27.82
N ALA A 592 -14.22 -9.33 -27.59
CA ALA A 592 -12.96 -9.99 -27.93
C ALA A 592 -12.67 -11.19 -27.03
N HIS A 593 -13.36 -11.32 -25.89
CA HIS A 593 -13.12 -12.43 -24.98
C HIS A 593 -14.39 -13.12 -24.48
N GLY A 594 -15.57 -12.64 -24.87
CA GLY A 594 -16.80 -13.31 -24.49
C GLY A 594 -17.11 -13.30 -23.02
N LEU A 595 -16.91 -12.18 -22.33
CA LEU A 595 -17.20 -12.05 -20.91
C LEU A 595 -18.46 -11.21 -20.73
N THR A 596 -19.39 -11.71 -19.93
CA THR A 596 -20.61 -10.96 -19.65
C THR A 596 -20.28 -9.73 -18.80
N PRO A 597 -21.10 -8.68 -18.90
CA PRO A 597 -20.83 -7.47 -18.10
C PRO A 597 -20.79 -7.72 -16.60
N GLU A 598 -21.58 -8.68 -16.11
CA GLU A 598 -21.55 -8.99 -14.68
C GLU A 598 -20.19 -9.50 -14.24
N GLN A 599 -19.53 -10.31 -15.09
CA GLN A 599 -18.21 -10.82 -14.73
C GLN A 599 -17.19 -9.68 -14.66
N VAL A 600 -17.25 -8.74 -15.59
CA VAL A 600 -16.34 -7.61 -15.57
C VAL A 600 -16.59 -6.74 -14.34
N VAL A 601 -17.86 -6.54 -13.98
CA VAL A 601 -18.19 -5.78 -12.78
C VAL A 601 -17.69 -6.50 -11.54
N ALA A 602 -17.78 -7.83 -11.52
CA ALA A 602 -17.30 -8.61 -10.38
C ALA A 602 -15.78 -8.52 -10.25
N ILE A 603 -15.08 -8.53 -11.37
CA ILE A 603 -13.62 -8.37 -11.33
C ILE A 603 -13.24 -6.97 -10.86
N ALA A 604 -13.93 -5.96 -11.37
CA ALA A 604 -13.57 -4.57 -11.09
C ALA A 604 -13.89 -4.14 -9.67
N SER A 605 -14.83 -4.80 -9.00
CA SER A 605 -15.28 -4.36 -7.67
C SER A 605 -14.33 -4.89 -6.59
N ASN A 606 -13.05 -4.58 -6.77
CA ASN A 606 -12.01 -4.99 -5.83
C ASN A 606 -11.01 -3.86 -5.68
N ILE A 607 -10.13 -3.98 -4.68
CA ILE A 607 -9.24 -2.87 -4.33
C ILE A 607 -8.23 -2.60 -5.44
N GLY A 608 -7.76 -3.65 -6.12
CA GLY A 608 -6.86 -3.46 -7.24
C GLY A 608 -7.51 -3.78 -8.58
N GLY A 609 -8.77 -3.35 -8.75
CA GLY A 609 -9.57 -3.84 -9.86
C GLY A 609 -8.99 -3.53 -11.23
N LYS A 610 -8.34 -2.37 -11.37
CA LYS A 610 -7.73 -2.02 -12.65
C LYS A 610 -6.63 -3.01 -13.03
N GLN A 611 -5.77 -3.34 -12.07
CA GLN A 611 -4.71 -4.31 -12.33
C GLN A 611 -5.28 -5.67 -12.69
N ALA A 612 -6.34 -6.08 -12.00
CA ALA A 612 -6.98 -7.36 -12.30
C ALA A 612 -7.58 -7.37 -13.70
N LEU A 613 -8.24 -6.28 -14.10
CA LEU A 613 -8.83 -6.22 -15.43
C LEU A 613 -7.76 -6.26 -16.52
N GLU A 614 -6.68 -5.50 -16.35
CA GLU A 614 -5.61 -5.53 -17.34
C GLU A 614 -4.94 -6.89 -17.39
N THR A 615 -4.75 -7.52 -16.23
CA THR A 615 -4.13 -8.84 -16.19
C THR A 615 -5.03 -9.88 -16.87
N VAL A 616 -6.34 -9.79 -16.67
CA VAL A 616 -7.26 -10.69 -17.37
C VAL A 616 -7.17 -10.47 -18.87
N GLN A 617 -7.14 -9.21 -19.31
CA GLN A 617 -7.00 -8.93 -20.73
C GLN A 617 -5.75 -9.58 -21.29
N ARG A 618 -4.63 -9.46 -20.57
CA ARG A 618 -3.35 -9.95 -21.08
C ARG A 618 -3.26 -11.47 -21.02
N LEU A 619 -3.85 -12.10 -20.00
CA LEU A 619 -3.58 -13.50 -19.71
C LEU A 619 -4.75 -14.44 -19.99
N LEU A 620 -5.88 -13.95 -20.48
CA LEU A 620 -6.98 -14.86 -20.77
C LEU A 620 -6.65 -15.88 -21.84
N PRO A 621 -6.15 -15.51 -23.03
CA PRO A 621 -5.93 -16.53 -24.06
C PRO A 621 -4.83 -17.53 -23.70
N VAL A 622 -3.74 -17.07 -23.09
CA VAL A 622 -2.63 -17.97 -22.81
C VAL A 622 -2.99 -18.99 -21.73
N LEU A 623 -3.73 -18.55 -20.70
CA LEU A 623 -4.16 -19.50 -19.69
C LEU A 623 -5.31 -20.38 -20.19
N CYS A 624 -6.13 -19.87 -21.10
CA CYS A 624 -7.23 -20.66 -21.64
C CYS A 624 -6.76 -21.71 -22.63
N GLN A 625 -5.64 -21.46 -23.32
CA GLN A 625 -5.13 -22.38 -24.33
C GLN A 625 -3.94 -23.18 -23.87
N ALA A 626 -2.89 -22.53 -23.38
CA ALA A 626 -1.67 -23.24 -22.99
C ALA A 626 -1.81 -23.99 -21.68
N HIS A 627 -2.85 -23.72 -20.89
CA HIS A 627 -3.05 -24.39 -19.62
C HIS A 627 -4.40 -25.07 -19.48
N GLY A 628 -5.31 -24.90 -20.45
CA GLY A 628 -6.59 -25.57 -20.40
C GLY A 628 -7.49 -25.12 -19.27
N LEU A 629 -7.60 -23.82 -19.07
CA LEU A 629 -8.47 -23.24 -18.04
C LEU A 629 -9.66 -22.58 -18.70
N THR A 630 -10.86 -22.84 -18.18
CA THR A 630 -12.05 -22.20 -18.68
C THR A 630 -12.04 -20.72 -18.29
N PRO A 631 -12.73 -19.86 -19.05
CA PRO A 631 -12.81 -18.44 -18.66
C PRO A 631 -13.40 -18.23 -17.28
N GLU A 632 -14.32 -19.09 -16.87
CA GLU A 632 -14.90 -18.98 -15.54
C GLU A 632 -13.84 -19.12 -14.46
N GLN A 633 -12.88 -20.02 -14.66
CA GLN A 633 -11.82 -20.22 -13.67
C GLN A 633 -10.93 -18.97 -13.56
N VAL A 634 -10.57 -18.38 -14.70
CA VAL A 634 -9.75 -17.17 -14.69
C VAL A 634 -10.51 -16.02 -14.02
N VAL A 635 -11.79 -15.88 -14.34
CA VAL A 635 -12.61 -14.83 -13.71
C VAL A 635 -12.70 -15.04 -12.21
N ALA A 636 -12.89 -16.29 -11.78
CA ALA A 636 -12.95 -16.58 -10.35
C ALA A 636 -11.65 -16.27 -9.66
N ILE A 637 -10.52 -16.59 -10.31
CA ILE A 637 -9.22 -16.27 -9.72
C ILE A 637 -9.05 -14.75 -9.59
N ALA A 638 -9.42 -14.01 -10.63
CA ALA A 638 -9.21 -12.57 -10.64
C ALA A 638 -10.24 -11.79 -9.84
N SER A 639 -11.37 -12.41 -9.48
CA SER A 639 -12.38 -11.72 -8.70
C SER A 639 -12.04 -11.73 -7.22
N ASN A 640 -10.81 -11.31 -6.89
CA ASN A 640 -10.33 -11.29 -5.52
C ASN A 640 -9.31 -10.17 -5.39
N ILE A 641 -9.06 -9.75 -4.15
CA ILE A 641 -8.06 -8.72 -3.91
C ILE A 641 -6.68 -9.28 -4.23
N GLY A 642 -5.90 -8.53 -5.00
CA GLY A 642 -4.64 -9.04 -5.51
C GLY A 642 -4.84 -10.16 -6.51
N GLY A 643 -5.86 -10.07 -7.35
CA GLY A 643 -6.11 -11.11 -8.33
C GLY A 643 -5.10 -11.12 -9.46
N LYS A 644 -4.47 -9.98 -9.73
CA LYS A 644 -3.39 -9.94 -10.71
C LYS A 644 -2.21 -10.78 -10.26
N GLN A 645 -1.84 -10.67 -8.98
CA GLN A 645 -0.75 -11.48 -8.46
C GLN A 645 -1.09 -12.96 -8.51
N ALA A 646 -2.33 -13.31 -8.18
CA ALA A 646 -2.75 -14.70 -8.27
C ALA A 646 -2.69 -15.23 -9.70
N LEU A 647 -3.13 -14.41 -10.66
CA LEU A 647 -3.08 -14.84 -12.05
C LEU A 647 -1.65 -15.05 -12.54
N GLU A 648 -0.75 -14.12 -12.22
CA GLU A 648 0.63 -14.26 -12.62
C GLU A 648 1.29 -15.46 -11.95
N THR A 649 0.99 -15.67 -10.66
CA THR A 649 1.55 -16.82 -9.94
C THR A 649 1.03 -18.13 -10.50
N VAL A 650 -0.25 -18.18 -10.89
CA VAL A 650 -0.78 -19.38 -11.53
C VAL A 650 -0.07 -19.63 -12.83
N GLN A 651 0.11 -18.58 -13.64
CA GLN A 651 0.88 -18.70 -14.88
C GLN A 651 2.24 -19.33 -14.61
N ARG A 652 2.93 -18.85 -13.58
CA ARG A 652 4.29 -19.30 -13.32
C ARG A 652 4.34 -20.73 -12.79
N LEU A 653 3.44 -21.07 -11.85
CA LEU A 653 3.57 -22.29 -11.07
C LEU A 653 2.56 -23.37 -11.41
N LEU A 654 1.76 -23.20 -12.47
CA LEU A 654 0.85 -24.28 -12.85
C LEU A 654 1.58 -25.51 -13.37
N PRO A 655 2.52 -25.41 -14.32
CA PRO A 655 3.18 -26.64 -14.79
C PRO A 655 3.99 -27.34 -13.72
N VAL A 656 4.66 -26.59 -12.84
CA VAL A 656 5.52 -27.19 -11.83
C VAL A 656 4.69 -28.04 -10.87
N LEU A 657 3.57 -27.49 -10.40
CA LEU A 657 2.73 -28.23 -9.46
C LEU A 657 1.95 -29.33 -10.15
N CYS A 658 1.59 -29.13 -11.42
CA CYS A 658 0.76 -30.11 -12.10
C CYS A 658 1.56 -31.33 -12.53
N GLN A 659 2.80 -31.13 -12.97
CA GLN A 659 3.60 -32.24 -13.51
C GLN A 659 4.50 -32.85 -12.45
N ALA A 660 5.34 -32.03 -11.80
CA ALA A 660 6.34 -32.57 -10.90
C ALA A 660 5.72 -33.09 -9.60
N HIS A 661 4.83 -32.31 -9.00
CA HIS A 661 4.33 -32.65 -7.65
C HIS A 661 3.17 -33.64 -7.69
N GLY A 662 2.08 -33.29 -8.37
CA GLY A 662 0.90 -34.16 -8.36
C GLY A 662 -0.36 -33.37 -8.04
N LEU A 663 -0.51 -32.19 -8.64
CA LEU A 663 -1.69 -31.32 -8.35
C LEU A 663 -2.57 -31.21 -9.61
N THR A 664 -3.84 -31.63 -9.51
CA THR A 664 -4.78 -31.47 -10.66
C THR A 664 -5.09 -29.98 -10.80
N PRO A 665 -5.30 -29.44 -12.03
CA PRO A 665 -5.51 -27.99 -12.19
C PRO A 665 -6.64 -27.44 -11.34
N GLU A 666 -7.63 -28.27 -11.01
CA GLU A 666 -8.73 -27.80 -10.18
C GLU A 666 -8.24 -27.39 -8.79
N GLN A 667 -7.31 -28.15 -8.22
CA GLN A 667 -6.79 -27.81 -6.90
C GLN A 667 -6.00 -26.50 -6.93
N VAL A 668 -5.20 -26.29 -7.97
CA VAL A 668 -4.45 -25.03 -8.10
C VAL A 668 -5.41 -23.87 -8.27
N VAL A 669 -6.46 -24.05 -9.08
CA VAL A 669 -7.44 -22.99 -9.27
C VAL A 669 -8.15 -22.67 -7.96
N ALA A 670 -8.50 -23.71 -7.19
CA ALA A 670 -9.17 -23.50 -5.91
C ALA A 670 -8.27 -22.76 -4.93
N ILE A 671 -6.98 -23.09 -4.92
CA ILE A 671 -6.04 -22.37 -4.05
C ILE A 671 -5.95 -20.91 -4.48
N ALA A 672 -5.85 -20.66 -5.78
CA ALA A 672 -5.74 -19.30 -6.28
C ALA A 672 -7.05 -18.53 -6.27
N SER A 673 -8.19 -19.22 -6.26
CA SER A 673 -9.48 -18.54 -6.26
C SER A 673 -9.78 -17.85 -4.96
N ASN A 674 -8.96 -18.05 -3.93
CA ASN A 674 -9.13 -17.40 -2.64
C ASN A 674 -8.31 -16.12 -2.57
N GLY A 675 -8.65 -15.26 -1.62
CA GLY A 675 -7.86 -14.07 -1.39
C GLY A 675 -6.47 -14.41 -0.87
N GLY A 676 -5.50 -13.61 -1.28
CA GLY A 676 -4.12 -13.92 -0.99
C GLY A 676 -3.67 -15.18 -1.69
N GLY A 677 -3.99 -15.29 -2.98
CA GLY A 677 -3.65 -16.49 -3.73
C GLY A 677 -2.16 -16.67 -3.94
N ARG A 678 -1.45 -15.57 -4.20
CA ARG A 678 0.00 -15.67 -4.40
C ARG A 678 0.74 -16.20 -3.17
N PRO A 679 0.55 -15.65 -1.96
CA PRO A 679 1.26 -16.23 -0.82
C PRO A 679 0.91 -17.69 -0.58
N ALA A 680 -0.34 -18.09 -0.80
CA ALA A 680 -0.72 -19.48 -0.60
C ALA A 680 -0.03 -20.39 -1.60
N LEU A 681 -0.03 -20.01 -2.87
CA LEU A 681 0.63 -20.82 -3.89
C LEU A 681 2.13 -20.90 -3.66
N GLU A 682 2.75 -19.77 -3.31
CA GLU A 682 4.18 -19.76 -3.05
C GLU A 682 4.53 -20.63 -1.84
N ALA A 683 3.74 -20.55 -0.77
CA ALA A 683 3.98 -21.36 0.40
C ALA A 683 3.81 -22.85 0.10
N LEU A 684 2.79 -23.20 -0.67
CA LEU A 684 2.61 -24.60 -1.04
C LEU A 684 3.78 -25.10 -1.87
N HIS A 685 4.23 -24.30 -2.84
CA HIS A 685 5.38 -24.70 -3.65
C HIS A 685 6.62 -24.87 -2.80
N ALA A 686 6.86 -23.93 -1.87
CA ALA A 686 8.04 -24.03 -1.02
C ALA A 686 8.00 -25.28 -0.14
N VAL A 687 6.83 -25.58 0.44
CA VAL A 687 6.71 -26.77 1.27
C VAL A 687 6.94 -28.03 0.44
N LEU A 688 6.36 -28.07 -0.77
CA LEU A 688 6.45 -29.30 -1.57
C LEU A 688 7.87 -29.52 -2.10
N THR A 689 8.54 -28.47 -2.56
CA THR A 689 9.82 -28.67 -3.25
C THR A 689 10.95 -28.97 -2.26
N ASP A 690 10.91 -28.39 -1.06
CA ASP A 690 11.92 -28.70 -0.04
C ASP A 690 11.30 -28.44 1.33
N GLY A 691 10.91 -29.50 2.01
CA GLY A 691 10.36 -29.41 3.34
C GLY A 691 10.38 -30.74 4.04
N PRO A 692 9.99 -30.76 5.32
CA PRO A 692 9.93 -32.03 6.04
C PRO A 692 8.88 -32.95 5.43
N GLU A 693 9.14 -34.26 5.54
CA GLU A 693 8.21 -35.23 4.98
C GLU A 693 6.83 -35.10 5.62
N GLU A 694 6.79 -34.90 6.94
CA GLU A 694 5.51 -34.72 7.60
C GLU A 694 4.79 -33.48 7.07
N ALA A 695 5.52 -32.37 6.90
CA ALA A 695 4.88 -31.13 6.44
C ALA A 695 4.29 -31.30 5.05
N LYS A 696 5.01 -31.98 4.16
CA LYS A 696 4.43 -32.33 2.86
C LYS A 696 3.20 -33.19 3.04
N TYR A 697 3.21 -34.07 4.04
CA TYR A 697 2.04 -34.91 4.28
C TYR A 697 0.81 -34.07 4.62
N GLU A 698 0.94 -33.13 5.57
CA GLU A 698 -0.24 -32.31 5.88
C GLU A 698 -0.64 -31.42 4.70
N ALA A 699 0.34 -30.87 3.97
CA ALA A 699 -0.02 -30.03 2.84
C ALA A 699 -0.83 -30.80 1.81
N LEU A 700 -0.36 -32.00 1.46
CA LEU A 700 -1.04 -32.79 0.44
C LEU A 700 -2.37 -33.34 0.93
N MET A 701 -2.50 -33.60 2.24
CA MET A 701 -3.80 -33.99 2.77
C MET A 701 -4.78 -32.82 2.74
N ARG A 702 -4.34 -31.63 3.15
CA ARG A 702 -5.22 -30.47 3.16
C ARG A 702 -5.60 -30.03 1.75
N LEU A 703 -4.82 -30.41 0.73
CA LEU A 703 -5.26 -30.14 -0.64
C LEU A 703 -6.58 -30.83 -0.95
N GLY A 704 -6.87 -31.94 -0.29
CA GLY A 704 -8.15 -32.63 -0.47
C GLY A 704 -8.10 -33.67 -1.56
N GLY A 705 -8.94 -34.69 -1.41
CA GLY A 705 -9.06 -35.75 -2.39
C GLY A 705 -7.99 -36.82 -2.32
N ALA A 706 -7.07 -36.73 -1.37
CA ALA A 706 -5.99 -37.71 -1.26
C ALA A 706 -6.37 -38.83 -0.31
N LEU A 707 -5.68 -39.96 -0.45
CA LEU A 707 -5.86 -41.10 0.42
C LEU A 707 -4.49 -41.55 0.92
N ALA A 708 -4.30 -41.50 2.23
CA ALA A 708 -3.07 -41.96 2.86
C ALA A 708 -3.32 -43.33 3.47
N ILE A 709 -2.51 -44.31 3.09
CA ILE A 709 -2.66 -45.68 3.57
C ILE A 709 -1.31 -46.20 4.05
N ARG A 710 -1.32 -46.85 5.20
CA ARG A 710 -0.13 -47.45 5.79
C ARG A 710 -0.43 -48.89 6.15
N ILE A 711 0.52 -49.77 5.86
CA ILE A 711 0.34 -51.19 6.11
C ILE A 711 0.96 -51.53 7.47
N SER A 712 0.50 -52.63 8.06
CA SER A 712 1.01 -53.08 9.35
C SER A 712 2.01 -54.23 9.19
N ASP A 713 1.67 -55.25 8.41
CA ASP A 713 2.52 -56.40 8.19
C ASP A 713 2.62 -56.67 6.70
N ASN A 714 3.69 -57.39 6.32
CA ASN A 714 3.96 -57.70 4.93
C ASN A 714 3.21 -58.93 4.43
N SER A 715 2.14 -59.33 5.11
CA SER A 715 1.36 -60.48 4.68
C SER A 715 0.68 -60.19 3.35
N GLU A 716 0.46 -61.26 2.57
CA GLU A 716 -0.12 -61.11 1.25
C GLU A 716 -1.55 -60.58 1.31
N LYS A 717 -2.33 -61.05 2.29
CA LYS A 717 -3.72 -60.63 2.39
C LYS A 717 -3.85 -59.13 2.63
N GLN A 718 -3.01 -58.58 3.51
CA GLN A 718 -3.05 -57.15 3.78
C GLN A 718 -2.63 -56.35 2.55
N ILE A 719 -1.64 -56.83 1.81
CA ILE A 719 -1.23 -56.16 0.58
C ILE A 719 -2.36 -56.16 -0.42
N ASN A 720 -3.05 -57.29 -0.56
CA ASN A 720 -4.19 -57.36 -1.49
C ASN A 720 -5.31 -56.42 -1.07
N THR A 721 -5.59 -56.35 0.24
CA THR A 721 -6.63 -55.44 0.72
C THR A 721 -6.25 -53.98 0.46
N ALA A 722 -4.99 -53.62 0.69
CA ALA A 722 -4.55 -52.26 0.42
C ALA A 722 -4.65 -51.94 -1.07
N ILE A 723 -4.27 -52.90 -1.92
CA ILE A 723 -4.39 -52.69 -3.37
C ILE A 723 -5.84 -52.50 -3.76
N ASN A 724 -6.75 -53.29 -3.18
CA ASN A 724 -8.17 -53.14 -3.47
C ASN A 724 -8.68 -51.77 -3.06
N LEU A 725 -8.27 -51.30 -1.88
CA LEU A 725 -8.70 -49.98 -1.42
C LEU A 725 -8.18 -48.88 -2.33
N ILE A 726 -6.91 -48.99 -2.75
CA ILE A 726 -6.33 -47.99 -3.65
C ILE A 726 -7.07 -48.00 -4.98
N LYS A 727 -7.39 -49.19 -5.50
CA LYS A 727 -8.13 -49.28 -6.76
C LYS A 727 -9.52 -48.67 -6.62
N ASN A 728 -10.19 -48.92 -5.50
CA ASN A 728 -11.51 -48.33 -5.29
C ASN A 728 -11.45 -46.81 -5.24
N HIS A 729 -10.46 -46.27 -4.54
CA HIS A 729 -10.32 -44.82 -4.47
C HIS A 729 -10.00 -44.24 -5.84
N ALA A 730 -9.13 -44.89 -6.60
CA ALA A 730 -8.77 -44.39 -7.92
C ALA A 730 -9.97 -44.42 -8.87
N LYS A 731 -10.77 -45.50 -8.80
CA LYS A 731 -11.96 -45.57 -9.63
C LYS A 731 -12.98 -44.51 -9.22
N SER A 732 -13.08 -44.22 -7.92
CA SER A 732 -13.93 -43.12 -7.48
C SER A 732 -13.44 -41.79 -8.03
N LYS A 733 -12.12 -41.60 -8.08
CA LYS A 733 -11.55 -40.39 -8.67
C LYS A 733 -11.50 -40.44 -10.19
N GLY A 734 -11.78 -41.59 -10.79
CA GLY A 734 -11.81 -41.70 -12.24
C GLY A 734 -10.48 -41.75 -12.93
N VAL A 735 -9.46 -42.33 -12.29
CA VAL A 735 -8.12 -42.49 -12.87
C VAL A 735 -7.74 -43.96 -12.80
N GLU A 736 -7.23 -44.49 -13.90
CA GLU A 736 -6.78 -45.88 -13.97
C GLU A 736 -5.33 -45.96 -13.52
N LEU A 737 -5.05 -46.94 -12.64
CA LEU A 737 -3.72 -47.05 -12.04
C LEU A 737 -2.71 -47.77 -12.93
N SER A 738 -3.19 -48.56 -13.89
CA SER A 738 -2.34 -49.35 -14.80
C SER A 738 -1.63 -50.48 -14.05
N GLU A 739 -1.39 -51.60 -14.75
CA GLU A 739 -0.84 -52.78 -14.10
C GLU A 739 0.59 -52.56 -13.62
N GLU A 740 1.41 -51.88 -14.43
CA GLU A 740 2.81 -51.71 -14.08
C GLU A 740 2.98 -50.90 -12.80
N ASP A 741 2.21 -49.82 -12.66
CA ASP A 741 2.29 -49.02 -11.44
C ASP A 741 1.79 -49.82 -10.24
N ILE A 742 0.77 -50.66 -10.44
CA ILE A 742 0.28 -51.50 -9.36
C ILE A 742 1.37 -52.46 -8.89
N LYS A 743 2.07 -53.08 -9.85
CA LYS A 743 3.15 -54.00 -9.49
C LYS A 743 4.27 -53.26 -8.76
N LYS A 744 4.64 -52.07 -9.25
CA LYS A 744 5.70 -51.30 -8.61
C LYS A 744 5.32 -50.90 -7.19
N VAL A 745 4.07 -50.46 -6.99
CA VAL A 745 3.66 -50.02 -5.66
C VAL A 745 3.52 -51.23 -4.73
N GLU A 746 3.10 -52.38 -5.25
CA GLU A 746 3.08 -53.58 -4.42
C GLU A 746 4.48 -53.99 -3.99
N LYS A 747 5.45 -53.89 -4.90
CA LYS A 747 6.83 -54.19 -4.54
C LYS A 747 7.34 -53.23 -3.47
N ILE A 748 7.07 -51.93 -3.64
CA ILE A 748 7.56 -50.95 -2.66
C ILE A 748 6.84 -51.12 -1.33
N LEU A 749 5.60 -51.61 -1.34
CA LEU A 749 4.88 -51.84 -0.09
C LEU A 749 5.40 -53.09 0.62
N LYS A 750 5.72 -54.14 -0.13
CA LYS A 750 6.20 -55.37 0.45
C LYS A 750 7.68 -55.34 0.80
N GLU A 751 8.44 -54.38 0.28
CA GLU A 751 9.86 -54.30 0.57
C GLU A 751 10.21 -53.29 1.65
N ASN A 752 9.36 -52.29 1.87
CA ASN A 752 9.61 -51.26 2.89
C ASN A 752 8.54 -51.30 3.95
N PRO A 753 8.79 -51.93 5.10
CA PRO A 753 7.79 -51.91 6.17
C PRO A 753 7.61 -50.51 6.75
N GLY A 754 6.39 -50.22 7.16
CA GLY A 754 6.08 -48.95 7.78
C GLY A 754 5.98 -47.77 6.83
N VAL A 755 5.99 -48.01 5.53
CA VAL A 755 5.92 -46.94 4.55
C VAL A 755 4.49 -46.41 4.47
N VAL A 756 4.35 -45.13 4.13
CA VAL A 756 3.05 -44.50 3.98
C VAL A 756 2.86 -44.11 2.52
N LEU A 757 1.74 -44.52 1.94
CA LEU A 757 1.42 -44.26 0.54
C LEU A 757 0.35 -43.19 0.46
N LEU A 758 0.53 -42.25 -0.47
CA LEU A 758 -0.40 -41.14 -0.61
C LEU A 758 -0.88 -41.08 -2.05
N LEU A 759 -2.14 -41.42 -2.27
CA LEU A 759 -2.74 -41.40 -3.60
C LEU A 759 -3.50 -40.09 -3.76
N THR A 760 -2.96 -39.19 -4.58
CA THR A 760 -3.60 -37.93 -4.91
C THR A 760 -4.60 -38.12 -6.04
N PRO A 761 -5.56 -37.21 -6.20
CA PRO A 761 -6.51 -37.34 -7.31
C PRO A 761 -5.85 -37.29 -8.68
N SER A 762 -4.65 -36.74 -8.80
CA SER A 762 -3.96 -36.72 -10.08
C SER A 762 -3.67 -38.12 -10.57
N GLY A 763 -3.23 -39.01 -9.69
CA GLY A 763 -2.94 -40.37 -10.07
C GLY A 763 -1.63 -40.88 -9.52
N LYS A 764 -0.66 -39.99 -9.37
CA LYS A 764 0.65 -40.38 -8.88
C LYS A 764 0.60 -40.72 -7.39
N ILE A 765 1.50 -41.59 -6.95
CA ILE A 765 1.53 -42.09 -5.59
C ILE A 765 2.80 -41.57 -4.92
N HIS A 766 2.62 -40.75 -3.90
CA HIS A 766 3.73 -40.29 -3.07
C HIS A 766 4.09 -41.35 -2.05
N VAL A 767 5.39 -41.46 -1.77
CA VAL A 767 5.91 -42.43 -0.81
C VAL A 767 6.60 -41.67 0.31
N PHE A 768 6.14 -41.89 1.54
CA PHE A 768 6.77 -41.31 2.73
C PHE A 768 7.30 -42.44 3.59
N PRO A 769 8.62 -42.65 3.65
CA PRO A 769 9.14 -43.81 4.38
C PRO A 769 9.25 -43.59 5.88
N SER A 770 9.46 -42.34 6.31
CA SER A 770 9.65 -42.03 7.73
C SER A 770 8.81 -40.81 8.09
N ILE A 771 7.55 -41.04 8.47
CA ILE A 771 6.72 -39.97 9.02
C ILE A 771 6.13 -40.44 10.35
N SER A 772 6.88 -41.31 11.05
CA SER A 772 6.57 -41.74 12.42
C SER A 772 5.34 -42.63 12.49
N TRP A 773 5.16 -43.28 13.64
CA TRP A 773 4.05 -44.20 13.87
C TRP A 773 2.99 -43.63 14.80
N SER A 774 3.07 -42.33 15.13
CA SER A 774 2.19 -41.72 16.11
C SER A 774 1.50 -40.51 15.50
N LEU A 775 0.36 -40.16 16.08
CA LEU A 775 -0.37 -38.98 15.64
C LEU A 775 0.44 -37.71 15.96
N PRO A 776 0.47 -36.75 15.05
CA PRO A 776 1.13 -35.48 15.35
C PRO A 776 0.44 -34.76 16.50
N GLU A 777 1.22 -33.98 17.25
CA GLU A 777 0.67 -33.20 18.34
C GLU A 777 -0.27 -32.13 17.81
N TYR A 778 -1.39 -31.94 18.51
CA TYR A 778 -2.40 -30.99 18.06
C TYR A 778 -1.85 -29.58 18.01
N ASP A 779 -2.07 -28.91 16.89
CA ASP A 779 -1.60 -27.54 16.70
C ASP A 779 -2.71 -26.50 16.88
N GLY A 780 -3.92 -26.93 17.24
CA GLY A 780 -5.00 -26.01 17.47
C GLY A 780 -5.77 -25.59 16.23
N THR A 781 -5.36 -26.03 15.05
CA THR A 781 -6.04 -25.67 13.81
C THR A 781 -6.50 -26.87 13.01
N THR A 782 -5.71 -27.92 12.92
CA THR A 782 -5.98 -29.06 12.08
C THR A 782 -5.96 -30.35 12.91
N THR A 783 -6.94 -31.21 12.67
CA THR A 783 -7.05 -32.48 13.38
C THR A 783 -6.69 -33.63 12.44
N HIS A 784 -5.92 -34.58 12.95
CA HIS A 784 -5.50 -35.75 12.20
C HIS A 784 -6.14 -36.99 12.79
N GLY A 785 -6.59 -37.89 11.93
CA GLY A 785 -7.22 -39.12 12.37
C GLY A 785 -6.65 -40.32 11.64
N VAL A 786 -6.69 -41.45 12.32
CA VAL A 786 -6.24 -42.72 11.78
C VAL A 786 -7.38 -43.72 11.91
N LEU A 787 -7.79 -44.29 10.79
CA LEU A 787 -8.83 -45.31 10.75
C LEU A 787 -8.16 -46.68 10.64
N VAL A 788 -8.43 -47.54 11.61
CA VAL A 788 -7.88 -48.88 11.67
C VAL A 788 -9.00 -49.86 11.43
N LEU A 789 -8.78 -50.80 10.52
CA LEU A 789 -9.77 -51.79 10.13
C LEU A 789 -9.46 -53.12 10.81
N ASP A 790 -10.21 -54.17 10.44
CA ASP A 790 -10.04 -55.47 11.06
C ASP A 790 -8.67 -56.06 10.75
N ASP A 791 -8.22 -55.97 9.50
CA ASP A 791 -6.96 -56.60 9.13
C ASP A 791 -5.76 -55.89 9.76
N GLY A 792 -5.77 -54.55 9.79
CA GLY A 792 -4.69 -53.82 10.41
C GLY A 792 -4.21 -52.61 9.63
N THR A 793 -4.73 -52.42 8.42
CA THR A 793 -4.32 -51.27 7.63
C THR A 793 -4.82 -49.98 8.26
N GLN A 794 -4.01 -48.93 8.12
CA GLN A 794 -4.32 -47.62 8.68
C GLN A 794 -4.57 -46.63 7.55
N ILE A 795 -5.61 -45.80 7.71
CA ILE A 795 -5.99 -44.81 6.71
C ILE A 795 -5.97 -43.43 7.37
N GLY A 796 -5.31 -42.48 6.73
CA GLY A 796 -5.16 -41.15 7.29
C GLY A 796 -6.29 -40.22 6.86
N PHE A 797 -6.73 -39.38 7.80
CA PHE A 797 -7.80 -38.42 7.57
C PHE A 797 -7.40 -37.09 8.18
N THR A 798 -7.91 -36.02 7.58
CA THR A 798 -7.65 -34.66 8.03
C THR A 798 -8.96 -33.88 8.05
N SER A 799 -9.16 -33.07 9.08
CA SER A 799 -10.38 -32.28 9.19
C SER A 799 -10.45 -31.26 8.06
N GLY A 800 -11.66 -31.03 7.56
CA GLY A 800 -11.86 -30.15 6.43
C GLY A 800 -12.09 -30.92 5.15
N ASN A 801 -12.26 -30.16 4.07
CA ASN A 801 -12.50 -30.70 2.73
C ASN A 801 -13.67 -31.68 2.74
N GLY A 802 -14.82 -31.18 3.21
CA GLY A 802 -15.98 -32.03 3.36
C GLY A 802 -16.62 -32.38 2.03
N ASP A 803 -17.58 -33.29 2.10
CA ASP A 803 -18.27 -33.74 0.90
C ASP A 803 -19.17 -32.62 0.41
N PRO A 804 -19.00 -32.16 -0.84
CA PRO A 804 -19.80 -31.01 -1.32
C PRO A 804 -21.30 -31.24 -1.31
N ARG A 805 -21.76 -32.48 -1.47
CA ARG A 805 -23.18 -32.76 -1.50
C ARG A 805 -23.79 -32.94 -0.12
N TYR A 806 -22.99 -32.81 0.94
CA TYR A 806 -23.49 -32.88 2.31
C TYR A 806 -23.21 -31.58 3.07
N THR A 807 -23.15 -30.47 2.33
CA THR A 807 -22.87 -29.16 2.97
C THR A 807 -23.95 -28.86 3.98
N ASN A 808 -25.14 -29.47 3.81
CA ASN A 808 -26.29 -29.21 4.73
C ASN A 808 -25.94 -29.66 6.15
N TYR A 809 -25.04 -30.63 6.30
CA TYR A 809 -24.74 -31.17 7.66
C TYR A 809 -23.73 -30.26 8.38
N ARG A 810 -23.94 -30.07 9.69
CA ARG A 810 -23.04 -29.21 10.51
C ARG A 810 -21.86 -30.05 11.02
N ASN A 811 -21.79 -31.32 10.60
CA ASN A 811 -20.62 -32.17 10.97
C ASN A 811 -19.82 -32.49 9.70
N ASN A 812 -20.29 -32.05 8.54
CA ASN A 812 -19.55 -32.25 7.26
C ASN A 812 -18.15 -31.65 7.41
N GLY A 813 -17.13 -32.40 7.04
CA GLY A 813 -15.72 -32.07 7.09
C GLY A 813 -15.01 -32.47 8.36
N HIS A 814 -15.67 -33.17 9.27
CA HIS A 814 -15.04 -33.62 10.50
C HIS A 814 -14.50 -35.03 10.32
N VAL A 815 -13.57 -35.40 11.21
CA VAL A 815 -12.85 -36.66 11.06
C VAL A 815 -13.79 -37.85 11.15
N ALA A 816 -14.70 -37.83 12.14
CA ALA A 816 -15.64 -38.94 12.28
C ALA A 816 -16.58 -39.03 11.09
N GLN A 817 -17.03 -37.89 10.57
CA GLN A 817 -17.89 -37.90 9.39
C GLN A 817 -17.15 -38.46 8.17
N LYS A 818 -15.89 -38.05 7.99
CA LYS A 818 -15.11 -38.57 6.86
C LYS A 818 -14.88 -40.07 6.99
N SER A 819 -14.61 -40.54 8.20
CA SER A 819 -14.42 -41.98 8.41
C SER A 819 -15.69 -42.75 8.12
N ALA A 820 -16.85 -42.23 8.56
CA ALA A 820 -18.11 -42.90 8.29
C ALA A 820 -18.41 -42.92 6.79
N LEU A 821 -18.13 -41.82 6.09
CA LEU A 821 -18.31 -41.79 4.65
C LEU A 821 -17.41 -42.79 3.96
N TYR A 822 -16.15 -42.91 4.42
CA TYR A 822 -15.24 -43.89 3.85
C TYR A 822 -15.75 -45.31 4.07
N MET A 823 -16.27 -45.59 5.27
CA MET A 823 -16.83 -46.91 5.54
C MET A 823 -18.02 -47.20 4.64
N ARG A 824 -18.89 -46.22 4.43
CA ARG A 824 -20.03 -46.43 3.54
C ARG A 824 -19.57 -46.68 2.10
N GLU A 825 -18.58 -45.90 1.63
CA GLU A 825 -18.13 -46.05 0.25
C GLU A 825 -17.44 -47.39 0.03
N ASN A 826 -16.61 -47.82 0.98
CA ASN A 826 -15.82 -49.04 0.80
C ASN A 826 -16.46 -50.28 1.40
N ASN A 827 -17.65 -50.15 2.00
CA ASN A 827 -18.39 -51.28 2.57
C ASN A 827 -17.55 -52.01 3.63
N ILE A 828 -17.26 -51.28 4.70
CA ILE A 828 -16.44 -51.79 5.80
C ILE A 828 -17.35 -52.08 6.98
N SER A 829 -17.24 -53.29 7.53
CA SER A 829 -18.14 -53.71 8.60
C SER A 829 -17.91 -52.92 9.88
N ASN A 830 -16.66 -52.80 10.32
CA ASN A 830 -16.36 -52.09 11.55
C ASN A 830 -15.01 -51.39 11.41
N ALA A 831 -14.82 -50.35 12.22
CA ALA A 831 -13.60 -49.56 12.12
C ALA A 831 -13.37 -48.80 13.43
N THR A 832 -12.14 -48.32 13.61
CA THR A 832 -11.80 -47.56 14.81
C THR A 832 -11.01 -46.31 14.41
N VAL A 833 -11.41 -45.16 14.94
CA VAL A 833 -10.77 -43.88 14.63
C VAL A 833 -10.00 -43.41 15.85
N TYR A 834 -8.75 -42.99 15.63
CA TYR A 834 -7.93 -42.32 16.64
C TYR A 834 -7.64 -40.91 16.14
N HIS A 835 -8.00 -39.91 16.91
CA HIS A 835 -7.73 -38.52 16.52
C HIS A 835 -6.88 -37.83 17.58
N ASN A 836 -6.18 -36.79 17.15
CA ASN A 836 -5.23 -36.09 18.00
C ASN A 836 -5.79 -34.83 18.64
N ASN A 837 -7.08 -34.53 18.43
CA ASN A 837 -7.66 -33.31 18.99
C ASN A 837 -7.94 -33.51 20.47
N THR A 838 -7.43 -32.58 21.28
CA THR A 838 -7.56 -32.67 22.74
C THR A 838 -8.90 -32.18 23.23
N ASN A 839 -9.73 -31.59 22.37
CA ASN A 839 -11.05 -31.11 22.76
C ASN A 839 -12.13 -32.18 22.64
N GLY A 840 -11.78 -33.39 22.20
CA GLY A 840 -12.74 -34.45 22.05
C GLY A 840 -13.57 -34.33 20.79
N THR A 841 -14.55 -35.22 20.68
CA THR A 841 -15.42 -35.24 19.51
C THR A 841 -16.38 -34.06 19.53
N CYS A 842 -16.72 -33.58 18.33
CA CYS A 842 -17.64 -32.46 18.20
C CYS A 842 -19.02 -32.84 18.71
N GLY A 843 -19.79 -31.84 19.11
CA GLY A 843 -21.16 -32.08 19.53
C GLY A 843 -22.04 -32.59 18.42
N TYR A 844 -21.87 -32.03 17.21
CA TYR A 844 -22.67 -32.47 16.07
C TYR A 844 -22.37 -33.90 15.69
N CYS A 845 -21.10 -34.30 15.75
CA CYS A 845 -20.71 -35.65 15.39
C CYS A 845 -21.20 -36.69 16.40
N ASN A 846 -21.71 -36.27 17.56
CA ASN A 846 -22.23 -37.23 18.51
C ASN A 846 -23.58 -37.78 18.07
N THR A 847 -24.34 -37.00 17.31
CA THR A 847 -25.68 -37.40 16.86
C THR A 847 -25.77 -37.59 15.35
N MET A 848 -24.97 -36.88 14.56
CA MET A 848 -25.04 -36.96 13.11
C MET A 848 -24.07 -37.99 12.52
N THR A 849 -23.26 -38.65 13.35
CA THR A 849 -22.32 -39.64 12.81
C THR A 849 -23.05 -40.88 12.31
N ALA A 850 -23.98 -41.40 13.10
CA ALA A 850 -24.70 -42.61 12.70
C ALA A 850 -25.82 -42.28 11.74
N THR A 851 -25.49 -41.52 10.69
CA THR A 851 -26.45 -41.16 9.65
C THR A 851 -25.82 -41.42 8.29
N PHE A 852 -24.49 -41.38 8.24
CA PHE A 852 -23.74 -41.60 7.01
C PHE A 852 -23.32 -43.06 6.86
N LEU A 853 -22.73 -43.64 7.90
CA LEU A 853 -22.28 -45.02 7.81
C LEU A 853 -23.49 -45.96 7.75
N PRO A 854 -23.35 -47.08 7.04
CA PRO A 854 -24.51 -47.98 6.84
C PRO A 854 -24.93 -48.64 8.14
N GLU A 855 -26.19 -49.06 8.16
CA GLU A 855 -26.75 -49.74 9.32
C GLU A 855 -26.02 -51.05 9.58
N GLY A 856 -25.75 -51.32 10.86
CA GLY A 856 -25.00 -52.50 11.26
C GLY A 856 -23.51 -52.31 11.31
N ALA A 857 -22.99 -51.17 10.87
CA ALA A 857 -21.57 -50.88 10.94
C ALA A 857 -21.24 -50.16 12.24
N THR A 858 -20.14 -50.58 12.87
CA THR A 858 -19.73 -50.02 14.16
C THR A 858 -18.44 -49.24 13.98
N LEU A 859 -18.49 -47.96 14.35
CA LEU A 859 -17.32 -47.09 14.32
C LEU A 859 -16.98 -46.70 15.75
N THR A 860 -15.75 -46.97 16.16
CA THR A 860 -15.32 -46.70 17.54
C THR A 860 -14.39 -45.51 17.54
N VAL A 861 -14.87 -44.38 18.05
CA VAL A 861 -14.07 -43.16 18.14
C VAL A 861 -13.34 -43.15 19.48
N VAL A 862 -12.03 -42.97 19.44
CA VAL A 862 -11.17 -43.00 20.61
C VAL A 862 -10.42 -41.69 20.69
N PRO A 863 -10.81 -40.79 21.59
CA PRO A 863 -10.06 -39.54 21.77
C PRO A 863 -8.72 -39.81 22.43
N PRO A 864 -7.79 -38.85 22.38
CA PRO A 864 -6.51 -39.04 23.07
C PRO A 864 -6.70 -39.12 24.57
N GLU A 865 -5.71 -39.72 25.23
CA GLU A 865 -5.81 -39.99 26.67
C GLU A 865 -5.91 -38.68 27.46
N ASN A 866 -5.12 -37.67 27.11
CA ASN A 866 -5.10 -36.41 27.82
C ASN A 866 -6.14 -35.42 27.30
N ALA A 867 -7.19 -35.91 26.65
CA ALA A 867 -8.21 -35.02 26.11
C ALA A 867 -9.08 -34.46 27.24
N VAL A 868 -9.44 -33.18 27.11
CA VAL A 868 -10.31 -32.50 28.06
C VAL A 868 -11.43 -31.84 27.28
N ALA A 869 -12.67 -32.14 27.65
CA ALA A 869 -13.82 -31.54 26.97
C ALA A 869 -13.91 -30.05 27.29
N ASN A 870 -14.03 -29.25 26.23
CA ASN A 870 -14.15 -27.81 26.36
C ASN A 870 -15.58 -27.31 26.21
N ASN A 871 -16.50 -28.24 25.97
CA ASN A 871 -17.90 -27.83 25.70
C ASN A 871 -18.88 -28.78 26.37
N SER A 872 -20.15 -28.37 26.46
CA SER A 872 -21.20 -29.19 27.06
C SER A 872 -21.53 -30.43 26.25
N ARG A 873 -21.19 -30.47 24.96
CA ARG A 873 -21.56 -31.58 24.11
C ARG A 873 -20.38 -32.46 23.69
N ALA A 874 -19.15 -32.00 23.88
CA ALA A 874 -17.99 -32.82 23.53
C ALA A 874 -17.85 -33.99 24.49
N ILE A 875 -17.17 -35.03 24.03
CA ILE A 875 -16.97 -36.26 24.80
C ILE A 875 -15.48 -36.58 24.84
N ASP A 876 -15.02 -37.04 26.00
CA ASP A 876 -13.62 -37.40 26.20
C ASP A 876 -13.42 -38.90 26.36
N TYR A 877 -14.43 -39.70 26.04
CA TYR A 877 -14.38 -41.14 26.25
C TYR A 877 -14.64 -41.86 24.94
N VAL A 878 -14.13 -43.09 24.86
CA VAL A 878 -14.32 -43.91 23.67
C VAL A 878 -15.81 -44.17 23.48
N LYS A 879 -16.28 -44.04 22.23
CA LYS A 879 -17.69 -44.21 21.97
C LYS A 879 -17.91 -44.97 20.68
N THR A 880 -18.84 -45.91 20.71
CA THR A 880 -19.22 -46.69 19.54
C THR A 880 -20.45 -46.06 18.89
N TYR A 881 -20.48 -46.10 17.56
CA TYR A 881 -21.60 -45.59 16.77
C TYR A 881 -22.05 -46.69 15.83
N THR A 882 -23.34 -47.02 15.88
CA THR A 882 -23.96 -47.99 15.00
C THR A 882 -25.04 -47.29 14.19
N GLY A 883 -25.00 -47.47 12.88
CA GLY A 883 -25.92 -46.75 12.01
C GLY A 883 -27.31 -47.35 11.98
N THR A 884 -28.22 -46.58 11.36
CA THR A 884 -29.60 -47.01 11.18
C THR A 884 -30.01 -46.81 9.72
N SER A 885 -31.31 -46.98 9.44
CA SER A 885 -31.79 -46.76 8.08
C SER A 885 -31.79 -45.29 7.68
ZN ZN D . -16.80 -33.25 14.62
#